data_5KDA
#
_entry.id   5KDA
#
_cell.length_a   96.650
_cell.length_b   136.080
_cell.length_c   68.840
_cell.angle_alpha   90.00
_cell.angle_beta   90.00
_cell.angle_gamma   90.00
#
_symmetry.space_group_name_H-M   'P 21 21 2'
#
loop_
_entity.id
_entity.type
_entity.pdbx_description
1 polymer 'aromatic prenyltransferase'
2 non-polymer GENISTEIN
3 non-polymer 'DIMETHYLALLYL S-THIOLODIPHOSPHATE'
4 water water
#
_entity_poly.entity_id   1
_entity_poly.type   'polypeptide(L)'
_entity_poly.pdbx_seq_one_letter_code
;GPLGSRPWQILSQALGFPNYDQELWWQNTAETLNRVLEQCDYSVHLQYKYLAFYHKYILPSLGPFRRPGVEPEYISGLSH
GGHPLEISVKIDKSKTICRLGLQAIGPLAGTARDPLNSFGDRELLKNLATLLPHVDLRLFDHFNAQVGLDRAQCAVATTK
LIKESHNIVCTSLDLKDGEVIPKVYFSTIPKGLVTETPLFDLTFAAIEQMEVYHKDAPLRTALSSLKDFLRPRVPTDASI
TPPLTGLIGVDCIDPMLSRLKVYLATFRMDLSLIRDYWTLGGLLTDAGTMKGLEMVETLAKTLKLGDEACETLDAERLPF
GINYAMKPGTAELAPPQIYFPLLGINDGFIADALVEFFQYMGWEDQANRYKDELKAKFPNVDISQTKNVHRWLGVAYSET
KGPSMNIYYDVVAGNVARV
;
_entity_poly.pdbx_strand_id   A,B
#
loop_
_chem_comp.id
_chem_comp.type
_chem_comp.name
_chem_comp.formula
DST non-polymer 'DIMETHYLALLYL S-THIOLODIPHOSPHATE' 'C5 H12 O6 P2 S'
GEN non-polymer GENISTEIN 'C15 H10 O5'
#
# COMPACT_ATOMS: atom_id res chain seq x y z
N GLY A 4 -27.64 -19.04 -25.91
CA GLY A 4 -26.63 -19.79 -25.10
C GLY A 4 -27.12 -19.74 -23.66
N SER A 5 -27.07 -20.84 -22.92
CA SER A 5 -27.47 -20.79 -21.54
C SER A 5 -26.41 -21.29 -20.57
N ARG A 6 -25.15 -21.42 -21.01
CA ARG A 6 -24.05 -21.67 -20.05
C ARG A 6 -23.72 -20.33 -19.29
N PRO A 7 -23.15 -20.45 -18.07
CA PRO A 7 -22.94 -19.28 -17.25
C PRO A 7 -22.19 -18.15 -17.94
N TRP A 8 -21.16 -18.49 -18.72
CA TRP A 8 -20.31 -17.48 -19.32
C TRP A 8 -21.11 -16.70 -20.36
N GLN A 9 -22.03 -17.38 -21.01
CA GLN A 9 -22.90 -16.74 -21.98
C GLN A 9 -23.98 -15.90 -21.34
N ILE A 10 -24.60 -16.41 -20.28
CA ILE A 10 -25.65 -15.69 -19.56
C ILE A 10 -25.10 -14.38 -18.99
N LEU A 11 -23.92 -14.44 -18.42
CA LEU A 11 -23.31 -13.26 -17.86
C LEU A 11 -22.95 -12.21 -18.91
N SER A 12 -22.46 -12.63 -20.10
CA SER A 12 -22.29 -11.73 -21.23
C SER A 12 -23.62 -11.01 -21.55
N GLN A 13 -24.69 -11.76 -21.54
CA GLN A 13 -26.00 -11.24 -21.91
C GLN A 13 -26.56 -10.27 -20.90
N ALA A 14 -26.38 -10.58 -19.63
CA ALA A 14 -26.80 -9.76 -18.53
C ALA A 14 -25.98 -8.50 -18.30
N LEU A 15 -24.66 -8.58 -18.57
CA LEU A 15 -23.76 -7.58 -18.11
C LEU A 15 -23.23 -6.71 -19.21
N GLY A 16 -23.09 -7.27 -20.41
CA GLY A 16 -22.41 -6.49 -21.49
C GLY A 16 -21.02 -6.17 -21.12
N PHE A 17 -20.47 -5.14 -21.75
CA PHE A 17 -19.10 -4.74 -21.62
C PHE A 17 -19.05 -3.18 -21.65
N PRO A 18 -18.30 -2.58 -20.72
CA PRO A 18 -18.07 -1.08 -20.71
C PRO A 18 -17.29 -0.61 -21.92
N ASN A 19 -16.42 -1.48 -22.46
CA ASN A 19 -15.63 -1.15 -23.59
C ASN A 19 -15.27 -2.41 -24.41
N TYR A 20 -14.64 -2.18 -25.54
CA TYR A 20 -14.36 -3.27 -26.45
C TYR A 20 -13.23 -4.18 -26.00
N ASP A 21 -12.25 -3.64 -25.29
CA ASP A 21 -11.17 -4.53 -24.83
C ASP A 21 -11.73 -5.53 -23.81
N GLN A 22 -12.63 -5.09 -22.94
CA GLN A 22 -13.22 -6.04 -22.01
C GLN A 22 -14.00 -7.15 -22.74
N GLU A 23 -14.73 -6.73 -23.78
CA GLU A 23 -15.46 -7.68 -24.65
C GLU A 23 -14.54 -8.69 -25.24
N LEU A 24 -13.40 -8.20 -25.77
CA LEU A 24 -12.49 -9.10 -26.38
C LEU A 24 -11.86 -10.06 -25.32
N TRP A 25 -11.50 -9.54 -24.16
CA TRP A 25 -11.00 -10.41 -23.12
C TRP A 25 -12.02 -11.53 -22.80
N TRP A 26 -13.29 -11.15 -22.64
CA TRP A 26 -14.31 -12.14 -22.39
C TRP A 26 -14.38 -13.19 -23.51
N GLN A 27 -14.38 -12.76 -24.76
CA GLN A 27 -14.56 -13.67 -25.91
C GLN A 27 -13.35 -14.56 -26.14
N ASN A 28 -12.24 -14.26 -25.50
CA ASN A 28 -11.05 -15.08 -25.64
C ASN A 28 -10.69 -15.84 -24.34
N THR A 29 -11.43 -15.63 -23.25
CA THR A 29 -11.14 -16.29 -21.99
C THR A 29 -12.29 -16.97 -21.21
N ALA A 30 -13.48 -16.44 -21.30
CA ALA A 30 -14.53 -16.78 -20.39
C ALA A 30 -15.09 -18.16 -20.61
N GLU A 31 -15.20 -18.56 -21.87
CA GLU A 31 -15.67 -19.92 -22.20
C GLU A 31 -14.68 -20.94 -21.59
N THR A 32 -13.40 -20.73 -21.85
CA THR A 32 -12.41 -21.56 -21.25
C THR A 32 -12.53 -21.60 -19.73
N LEU A 33 -12.55 -20.45 -19.08
CA LEU A 33 -12.71 -20.42 -17.64
C LEU A 33 -13.98 -21.18 -17.16
N ASN A 34 -15.12 -21.06 -17.85
CA ASN A 34 -16.34 -21.78 -17.45
C ASN A 34 -16.06 -23.30 -17.57
N ARG A 35 -15.38 -23.68 -18.62
CA ARG A 35 -15.11 -25.07 -18.87
C ARG A 35 -14.25 -25.61 -17.76
N VAL A 36 -13.16 -24.92 -17.48
CA VAL A 36 -12.32 -25.30 -16.34
C VAL A 36 -13.11 -25.50 -15.03
N LEU A 37 -13.97 -24.55 -14.70
CA LEU A 37 -14.77 -24.67 -13.46
C LEU A 37 -15.74 -25.89 -13.51
N GLU A 38 -16.33 -26.13 -14.67
CA GLU A 38 -17.22 -27.30 -14.83
C GLU A 38 -16.42 -28.56 -14.61
N GLN A 39 -15.29 -28.64 -15.27
CA GLN A 39 -14.42 -29.79 -15.23
C GLN A 39 -13.90 -30.06 -13.84
N CYS A 40 -13.76 -29.05 -12.98
CA CYS A 40 -13.29 -29.27 -11.64
C CYS A 40 -14.41 -29.52 -10.66
N ASP A 41 -15.61 -29.73 -11.17
CA ASP A 41 -16.76 -30.12 -10.37
C ASP A 41 -17.25 -29.02 -9.42
N TYR A 42 -17.12 -27.75 -9.88
CA TYR A 42 -17.69 -26.61 -9.20
C TYR A 42 -19.17 -26.62 -9.48
N SER A 43 -20.03 -26.48 -8.47
CA SER A 43 -21.48 -26.30 -8.70
C SER A 43 -21.81 -25.12 -9.63
N VAL A 44 -23.02 -25.13 -10.16
CA VAL A 44 -23.46 -24.09 -11.07
C VAL A 44 -23.38 -22.73 -10.34
N HIS A 45 -23.74 -22.71 -9.05
CA HIS A 45 -23.71 -21.51 -8.25
C HIS A 45 -22.27 -20.96 -8.08
N LEU A 46 -21.26 -21.82 -7.94
CA LEU A 46 -19.87 -21.31 -7.88
C LEU A 46 -19.36 -20.91 -9.26
N GLN A 47 -19.87 -21.54 -10.32
CA GLN A 47 -19.51 -21.16 -11.66
C GLN A 47 -19.99 -19.71 -11.90
N TYR A 48 -21.23 -19.43 -11.53
CA TYR A 48 -21.70 -18.04 -11.57
C TYR A 48 -20.92 -17.09 -10.64
N LYS A 49 -20.62 -17.53 -9.43
CA LYS A 49 -19.90 -16.69 -8.52
C LYS A 49 -18.58 -16.28 -9.09
N TYR A 50 -17.80 -17.24 -9.55
CA TYR A 50 -16.50 -16.93 -10.10
C TYR A 50 -16.53 -16.17 -11.45
N LEU A 51 -17.42 -16.52 -12.38
CA LEU A 51 -17.53 -15.80 -13.68
C LEU A 51 -18.02 -14.35 -13.50
N ALA A 52 -18.98 -14.18 -12.57
CA ALA A 52 -19.48 -12.81 -12.21
C ALA A 52 -18.35 -11.95 -11.55
N PHE A 53 -17.62 -12.57 -10.64
CA PHE A 53 -16.38 -11.96 -10.04
C PHE A 53 -15.37 -11.59 -11.12
N TYR A 54 -15.08 -12.50 -12.03
CA TYR A 54 -14.17 -12.30 -13.14
C TYR A 54 -14.60 -11.09 -14.03
N HIS A 55 -15.84 -11.05 -14.38
CA HIS A 55 -16.38 -9.96 -15.18
C HIS A 55 -16.16 -8.56 -14.52
N LYS A 56 -16.51 -8.48 -13.25
CA LYS A 56 -16.56 -7.22 -12.49
C LYS A 56 -15.21 -6.77 -12.10
N TYR A 57 -14.39 -7.66 -11.55
CA TYR A 57 -13.09 -7.32 -10.97
C TYR A 57 -11.92 -7.58 -11.88
N ILE A 58 -11.97 -8.60 -12.71
CA ILE A 58 -10.77 -8.99 -13.44
C ILE A 58 -10.71 -8.34 -14.85
N LEU A 59 -11.80 -8.38 -15.58
CA LEU A 59 -11.80 -7.81 -16.94
C LEU A 59 -11.27 -6.35 -16.95
N PRO A 60 -11.71 -5.48 -16.01
CA PRO A 60 -11.13 -4.10 -16.11
C PRO A 60 -9.67 -4.04 -15.72
N SER A 61 -9.23 -5.01 -14.92
CA SER A 61 -7.83 -5.07 -14.52
C SER A 61 -6.90 -5.55 -15.62
N LEU A 62 -7.42 -6.19 -16.66
CA LEU A 62 -6.59 -6.76 -17.72
C LEU A 62 -6.12 -5.79 -18.85
N GLY A 63 -6.61 -4.54 -18.83
CA GLY A 63 -6.18 -3.52 -19.72
C GLY A 63 -6.58 -3.85 -21.14
N PRO A 64 -5.86 -3.29 -22.09
CA PRO A 64 -6.23 -3.51 -23.46
C PRO A 64 -5.89 -4.95 -23.85
N PHE A 65 -6.58 -5.44 -24.87
CA PHE A 65 -6.40 -6.75 -25.43
C PHE A 65 -5.49 -6.64 -26.66
N ARG A 66 -4.25 -7.02 -26.46
CA ARG A 66 -3.24 -7.00 -27.52
C ARG A 66 -3.70 -7.89 -28.63
N ARG A 67 -3.71 -7.35 -29.85
CA ARG A 67 -4.21 -8.03 -31.05
C ARG A 67 -3.60 -7.33 -32.29
N PRO A 68 -3.64 -7.96 -33.47
CA PRO A 68 -3.17 -7.28 -34.72
C PRO A 68 -3.73 -5.83 -34.96
N GLY A 69 -2.84 -4.87 -35.14
CA GLY A 69 -3.19 -3.46 -35.34
C GLY A 69 -3.29 -2.63 -34.05
N VAL A 70 -3.36 -3.27 -32.88
CA VAL A 70 -3.54 -2.54 -31.61
C VAL A 70 -2.47 -3.00 -30.61
N GLU A 71 -1.42 -2.20 -30.46
CA GLU A 71 -0.26 -2.55 -29.70
C GLU A 71 -0.29 -1.76 -28.36
N PRO A 72 -0.60 -2.42 -27.23
CA PRO A 72 -0.68 -1.66 -25.95
C PRO A 72 0.66 -0.98 -25.61
N GLU A 73 0.63 0.00 -24.73
CA GLU A 73 1.83 0.57 -24.16
C GLU A 73 2.57 -0.43 -23.20
N TYR A 74 1.82 -1.36 -22.56
CA TYR A 74 2.38 -2.27 -21.55
C TYR A 74 2.28 -3.71 -22.09
N ILE A 75 3.43 -4.42 -22.12
CA ILE A 75 3.49 -5.80 -22.62
C ILE A 75 3.87 -6.70 -21.46
N SER A 76 3.06 -7.72 -21.19
CA SER A 76 3.27 -8.64 -20.08
C SER A 76 4.13 -9.83 -20.45
N GLY A 77 4.95 -10.27 -19.51
CA GLY A 77 5.64 -11.54 -19.66
C GLY A 77 4.87 -12.74 -19.16
N LEU A 78 3.61 -12.54 -18.80
CA LEU A 78 2.85 -13.66 -18.25
C LEU A 78 2.49 -14.67 -19.31
N SER A 79 2.49 -14.27 -20.58
CA SER A 79 2.00 -15.13 -21.65
C SER A 79 2.78 -14.92 -22.91
N HIS A 80 2.51 -15.78 -23.88
CA HIS A 80 3.25 -15.76 -25.13
C HIS A 80 2.90 -14.53 -25.97
N GLY A 81 1.64 -14.20 -26.09
CA GLY A 81 1.22 -13.03 -26.87
C GLY A 81 1.33 -11.66 -26.21
N GLY A 82 1.87 -11.59 -25.00
CA GLY A 82 1.91 -10.32 -24.24
C GLY A 82 0.65 -9.98 -23.41
N HIS A 83 -0.29 -10.91 -23.29
CA HIS A 83 -1.52 -10.77 -22.49
C HIS A 83 -1.25 -11.07 -21.00
N PRO A 84 -1.68 -10.20 -20.07
CA PRO A 84 -1.36 -10.34 -18.65
C PRO A 84 -2.29 -11.32 -17.93
N LEU A 85 -2.42 -12.54 -18.45
CA LEU A 85 -3.41 -13.50 -17.91
C LEU A 85 -2.85 -14.89 -18.06
N GLU A 86 -3.05 -15.71 -17.04
CA GLU A 86 -2.83 -17.14 -17.09
C GLU A 86 -3.96 -17.78 -16.26
N ILE A 87 -4.29 -19.05 -16.56
CA ILE A 87 -5.25 -19.84 -15.82
C ILE A 87 -4.58 -21.17 -15.47
N SER A 88 -4.63 -21.54 -14.20
CA SER A 88 -4.06 -22.79 -13.79
C SER A 88 -5.04 -23.68 -13.07
N VAL A 89 -4.73 -24.97 -13.05
CA VAL A 89 -5.42 -25.98 -12.22
C VAL A 89 -4.39 -26.65 -11.34
N LYS A 90 -4.76 -26.86 -10.10
CA LYS A 90 -3.95 -27.57 -9.14
C LYS A 90 -4.64 -28.92 -8.96
N ILE A 91 -3.96 -30.02 -9.30
CA ILE A 91 -4.58 -31.37 -9.33
C ILE A 91 -3.99 -32.20 -8.20
N ASP A 92 -4.81 -32.85 -7.42
CA ASP A 92 -4.34 -33.89 -6.48
C ASP A 92 -5.35 -35.03 -6.49
N LYS A 93 -5.06 -36.08 -5.73
CA LYS A 93 -5.89 -37.31 -5.66
C LYS A 93 -7.40 -37.02 -5.68
N SER A 94 -7.83 -36.19 -4.71
CA SER A 94 -9.25 -35.99 -4.38
C SER A 94 -9.92 -34.89 -5.23
N LYS A 95 -9.15 -33.89 -5.69
CA LYS A 95 -9.76 -32.70 -6.28
C LYS A 95 -8.87 -31.85 -7.15
N THR A 96 -9.54 -30.94 -7.89
CA THR A 96 -8.88 -30.03 -8.76
C THR A 96 -9.52 -28.65 -8.46
N ILE A 97 -8.64 -27.68 -8.23
CA ILE A 97 -9.04 -26.32 -8.05
C ILE A 97 -8.42 -25.43 -9.14
N CYS A 98 -9.12 -24.35 -9.43
CA CYS A 98 -8.81 -23.39 -10.49
C CYS A 98 -8.12 -22.14 -9.86
N ARG A 99 -7.16 -21.54 -10.55
CA ARG A 99 -6.48 -20.33 -10.08
C ARG A 99 -6.32 -19.37 -11.25
N LEU A 100 -6.45 -18.09 -11.01
CA LEU A 100 -6.20 -17.08 -12.01
C LEU A 100 -4.92 -16.37 -11.65
N GLY A 101 -4.09 -16.10 -12.63
CA GLY A 101 -2.87 -15.35 -12.52
C GLY A 101 -2.95 -14.16 -13.48
N LEU A 102 -2.61 -12.98 -13.00
CA LEU A 102 -2.61 -11.77 -13.81
C LEU A 102 -1.72 -10.64 -13.31
N GLN A 103 -1.64 -9.61 -14.11
CA GLN A 103 -1.08 -8.37 -13.70
C GLN A 103 -2.23 -7.38 -13.93
N ALA A 104 -2.57 -6.61 -12.92
CA ALA A 104 -3.58 -5.56 -13.03
C ALA A 104 -2.98 -4.32 -13.69
N ILE A 105 -3.41 -3.96 -14.90
CA ILE A 105 -2.70 -2.95 -15.69
C ILE A 105 -3.32 -1.60 -15.37
N GLY A 106 -2.52 -0.64 -14.88
CA GLY A 106 -3.05 0.70 -14.77
C GLY A 106 -3.22 1.38 -16.13
N PRO A 107 -4.08 2.41 -16.20
CA PRO A 107 -4.32 3.19 -17.38
C PRO A 107 -3.11 4.03 -17.91
N LEU A 108 -2.08 4.14 -17.14
CA LEU A 108 -0.86 4.80 -17.62
C LEU A 108 0.34 3.83 -17.65
N ALA A 109 0.09 2.54 -17.38
CA ALA A 109 1.16 1.56 -17.41
C ALA A 109 2.02 1.63 -18.68
N GLY A 110 3.31 1.51 -18.50
CA GLY A 110 4.25 1.40 -19.66
C GLY A 110 4.55 2.78 -20.27
N THR A 111 4.20 3.88 -19.56
CA THR A 111 4.51 5.23 -19.96
C THR A 111 5.25 5.94 -18.84
N ALA A 112 5.65 7.20 -19.09
CA ALA A 112 6.48 7.98 -18.09
C ALA A 112 5.88 8.11 -16.72
N ARG A 113 4.56 8.17 -16.66
CA ARG A 113 3.91 8.34 -15.32
C ARG A 113 3.80 7.04 -14.52
N ASP A 114 4.09 5.90 -15.16
CA ASP A 114 4.00 4.56 -14.53
C ASP A 114 4.83 3.52 -15.27
N PRO A 115 6.17 3.66 -15.29
CA PRO A 115 6.87 2.81 -16.24
C PRO A 115 6.86 1.30 -15.95
N LEU A 116 6.70 0.89 -14.69
CA LEU A 116 6.72 -0.54 -14.32
C LEU A 116 5.36 -1.09 -13.84
N ASN A 117 4.27 -0.38 -14.15
CA ASN A 117 2.92 -0.76 -13.78
C ASN A 117 2.82 -0.99 -12.29
N SER A 118 3.17 0.06 -11.55
CA SER A 118 3.36 -0.01 -10.08
C SER A 118 2.09 0.11 -9.25
N PHE A 119 0.93 0.39 -9.84
CA PHE A 119 -0.22 0.72 -8.99
C PHE A 119 -1.43 -0.13 -9.12
N GLY A 120 -1.57 -0.78 -10.29
CA GLY A 120 -2.77 -1.47 -10.62
C GLY A 120 -3.04 -2.60 -9.66
N ASP A 121 -2.03 -3.39 -9.28
CA ASP A 121 -2.30 -4.63 -8.49
C ASP A 121 -2.86 -4.26 -7.09
N ARG A 122 -2.32 -3.21 -6.49
CA ARG A 122 -2.80 -2.72 -5.15
C ARG A 122 -4.24 -2.17 -5.21
N GLU A 123 -4.56 -1.50 -6.29
CA GLU A 123 -5.93 -1.03 -6.53
C GLU A 123 -6.90 -2.18 -6.60
N LEU A 124 -6.60 -3.21 -7.38
CA LEU A 124 -7.39 -4.42 -7.38
C LEU A 124 -7.43 -5.05 -5.98
N LEU A 125 -6.29 -5.18 -5.33
CA LEU A 125 -6.37 -5.71 -3.98
C LEU A 125 -7.24 -4.93 -2.98
N LYS A 126 -7.22 -3.60 -3.07
CA LYS A 126 -8.04 -2.76 -2.18
C LYS A 126 -9.52 -3.08 -2.51
N ASN A 127 -9.86 -3.13 -3.79
CA ASN A 127 -11.24 -3.54 -4.16
C ASN A 127 -11.58 -4.93 -3.65
N LEU A 128 -10.63 -5.89 -3.70
CA LEU A 128 -10.91 -7.20 -3.08
C LEU A 128 -11.10 -7.15 -1.54
N ALA A 129 -10.39 -6.21 -0.89
CA ALA A 129 -10.47 -5.98 0.56
C ALA A 129 -11.85 -5.49 1.08
N THR A 130 -12.61 -4.73 0.30
CA THR A 130 -13.99 -4.41 0.64
C THR A 130 -14.94 -5.50 0.15
N LEU A 131 -14.52 -6.33 -0.81
CA LEU A 131 -15.36 -7.41 -1.26
C LEU A 131 -15.36 -8.61 -0.28
N LEU A 132 -14.20 -8.97 0.26
CA LEU A 132 -14.01 -10.22 0.93
C LEU A 132 -13.42 -9.94 2.32
N PRO A 133 -14.05 -10.48 3.40
CA PRO A 133 -13.63 -10.19 4.82
C PRO A 133 -12.26 -10.71 5.27
N HIS A 134 -11.65 -11.59 4.52
CA HIS A 134 -10.42 -12.29 4.99
C HIS A 134 -9.15 -11.82 4.28
N VAL A 135 -9.28 -10.82 3.40
CA VAL A 135 -8.19 -10.31 2.57
C VAL A 135 -7.43 -9.32 3.44
N ASP A 136 -6.13 -9.43 3.40
CA ASP A 136 -5.28 -8.68 4.26
C ASP A 136 -4.20 -8.09 3.40
N LEU A 137 -4.00 -6.78 3.53
CA LEU A 137 -3.02 -6.03 2.69
C LEU A 137 -1.67 -5.77 3.33
N ARG A 138 -1.45 -6.29 4.53
CA ARG A 138 -0.26 -5.83 5.27
C ARG A 138 1.00 -6.36 4.71
N LEU A 139 1.00 -7.60 4.25
CA LEU A 139 2.19 -8.13 3.65
C LEU A 139 2.45 -7.55 2.28
N PHE A 140 1.42 -7.41 1.45
CA PHE A 140 1.55 -6.67 0.22
C PHE A 140 2.29 -5.33 0.47
N ASP A 141 1.77 -4.51 1.35
CA ASP A 141 2.34 -3.21 1.61
C ASP A 141 3.77 -3.23 2.14
N HIS A 142 4.06 -4.21 2.97
CA HIS A 142 5.41 -4.36 3.44
C HIS A 142 6.38 -4.56 2.28
N PHE A 143 6.10 -5.51 1.42
CA PHE A 143 7.01 -5.80 0.32
C PHE A 143 7.01 -4.68 -0.78
N ASN A 144 5.88 -4.09 -1.02
CA ASN A 144 5.82 -2.93 -1.91
C ASN A 144 6.74 -1.84 -1.35
N ALA A 145 6.76 -1.67 -0.02
CA ALA A 145 7.68 -0.73 0.59
C ALA A 145 9.11 -1.08 0.34
N GLN A 146 9.44 -2.38 0.42
CA GLN A 146 10.83 -2.85 0.46
C GLN A 146 11.41 -3.10 -0.92
N VAL A 147 10.61 -3.49 -1.90
CA VAL A 147 11.14 -3.70 -3.24
C VAL A 147 10.54 -2.84 -4.34
N GLY A 148 9.52 -2.02 -4.04
CA GLY A 148 8.98 -1.08 -4.99
C GLY A 148 9.93 0.10 -5.21
N LEU A 149 9.67 0.82 -6.29
CA LEU A 149 10.59 1.87 -6.71
C LEU A 149 9.83 3.10 -7.02
N ASP A 150 10.48 4.26 -6.84
CA ASP A 150 9.87 5.54 -7.21
C ASP A 150 9.89 5.72 -8.76
N ARG A 151 9.31 6.81 -9.28
CA ARG A 151 9.18 6.92 -10.75
C ARG A 151 10.50 7.01 -11.44
N ALA A 152 11.37 7.92 -11.04
CA ALA A 152 12.76 8.00 -11.57
C ALA A 152 13.52 6.64 -11.59
N GLN A 153 13.49 5.88 -10.47
CA GLN A 153 14.03 4.50 -10.43
C GLN A 153 13.31 3.54 -11.37
N CYS A 154 11.99 3.60 -11.44
CA CYS A 154 11.29 2.79 -12.47
C CYS A 154 11.73 3.15 -13.90
N ALA A 155 11.93 4.43 -14.17
CA ALA A 155 12.39 4.79 -15.53
C ALA A 155 13.77 4.18 -15.79
N VAL A 156 14.66 4.27 -14.81
CA VAL A 156 15.98 3.63 -15.03
C VAL A 156 15.83 2.12 -15.28
N ALA A 157 15.06 1.45 -14.43
CA ALA A 157 14.83 -0.01 -14.63
C ALA A 157 14.42 -0.38 -15.99
N THR A 158 13.56 0.44 -16.62
CA THR A 158 13.08 0.16 -17.98
C THR A 158 14.14 0.24 -19.07
N THR A 159 15.17 1.10 -18.88
CA THR A 159 16.39 1.08 -19.72
C THR A 159 17.23 -0.22 -19.63
N LYS A 160 17.13 -0.95 -18.51
CA LYS A 160 17.91 -2.16 -18.26
C LYS A 160 17.15 -3.49 -18.40
N LEU A 161 15.87 -3.42 -18.77
CA LEU A 161 15.00 -4.57 -18.87
C LEU A 161 14.36 -4.61 -20.23
N ILE A 162 14.18 -5.80 -20.78
CA ILE A 162 13.37 -5.97 -21.94
C ILE A 162 11.90 -5.62 -21.58
N LYS A 163 11.15 -5.25 -22.60
CA LYS A 163 9.79 -4.78 -22.46
C LYS A 163 8.82 -5.72 -21.73
N GLU A 164 8.95 -7.02 -21.94
CA GLU A 164 8.09 -7.99 -21.26
C GLU A 164 8.47 -8.18 -19.78
N SER A 165 9.56 -7.56 -19.30
CA SER A 165 9.90 -7.58 -17.91
C SER A 165 9.83 -6.22 -17.18
N HIS A 166 8.98 -5.31 -17.69
CA HIS A 166 8.73 -4.06 -17.02
C HIS A 166 7.63 -4.18 -15.94
N ASN A 167 7.90 -4.96 -14.91
CA ASN A 167 6.93 -5.24 -13.85
C ASN A 167 7.67 -5.36 -12.54
N ILE A 168 6.94 -5.14 -11.47
CA ILE A 168 7.41 -5.30 -10.12
C ILE A 168 6.54 -6.33 -9.39
N VAL A 169 5.29 -6.48 -9.79
CA VAL A 169 4.39 -7.38 -9.12
C VAL A 169 3.37 -8.08 -9.99
N CYS A 170 2.88 -9.19 -9.49
CA CYS A 170 1.81 -9.94 -10.09
C CYS A 170 0.97 -10.62 -9.04
N THR A 171 -0.24 -10.92 -9.41
CA THR A 171 -1.27 -11.38 -8.50
C THR A 171 -1.84 -12.71 -8.97
N SER A 172 -2.14 -13.62 -8.04
CA SER A 172 -2.92 -14.84 -8.32
C SER A 172 -4.10 -14.84 -7.40
N LEU A 173 -5.13 -15.52 -7.84
CA LEU A 173 -6.34 -15.61 -7.11
C LEU A 173 -6.77 -17.10 -7.15
N ASP A 174 -6.68 -17.80 -6.01
CA ASP A 174 -7.13 -19.20 -5.91
C ASP A 174 -8.65 -19.22 -5.75
N LEU A 175 -9.31 -19.91 -6.62
CA LEU A 175 -10.74 -20.04 -6.54
C LEU A 175 -11.02 -21.35 -5.74
N LYS A 176 -10.87 -21.30 -4.43
CA LYS A 176 -10.98 -22.45 -3.60
C LYS A 176 -12.07 -22.40 -2.55
N ASP A 177 -12.74 -23.49 -2.32
CA ASP A 177 -13.71 -23.61 -1.23
C ASP A 177 -14.83 -22.57 -1.35
N GLY A 178 -15.19 -22.22 -2.57
CA GLY A 178 -16.18 -21.20 -2.76
C GLY A 178 -15.67 -19.77 -2.47
N GLU A 179 -14.39 -19.58 -2.20
CA GLU A 179 -13.81 -18.25 -1.91
C GLU A 179 -12.78 -17.89 -2.95
N VAL A 180 -12.28 -16.66 -2.86
CA VAL A 180 -11.15 -16.16 -3.69
C VAL A 180 -9.98 -15.85 -2.76
N ILE A 181 -8.81 -16.44 -2.96
CA ILE A 181 -7.72 -16.26 -2.02
C ILE A 181 -6.57 -15.64 -2.81
N PRO A 182 -6.28 -14.35 -2.55
CA PRO A 182 -5.23 -13.70 -3.30
C PRO A 182 -3.86 -13.93 -2.77
N LYS A 183 -2.89 -13.98 -3.69
CA LYS A 183 -1.51 -14.16 -3.38
C LYS A 183 -0.79 -13.19 -4.34
N VAL A 184 0.35 -12.70 -3.93
CA VAL A 184 1.13 -11.81 -4.81
C VAL A 184 2.59 -12.23 -4.84
N TYR A 185 3.29 -11.84 -5.91
CA TYR A 185 4.69 -12.09 -6.14
C TYR A 185 5.38 -10.81 -6.54
N PHE A 186 6.42 -10.48 -5.83
CA PHE A 186 7.16 -9.27 -6.09
C PHE A 186 8.51 -9.64 -6.72
N SER A 187 8.87 -8.95 -7.79
CA SER A 187 10.19 -9.25 -8.41
C SER A 187 11.21 -8.44 -7.66
N THR A 188 12.35 -9.05 -7.48
CA THR A 188 13.53 -8.39 -6.92
C THR A 188 14.51 -7.73 -7.97
N ILE A 189 14.36 -8.09 -9.24
CA ILE A 189 15.26 -7.70 -10.35
C ILE A 189 15.29 -6.14 -10.54
N PRO A 190 14.11 -5.50 -10.68
CA PRO A 190 14.27 -4.04 -10.86
C PRO A 190 15.02 -3.31 -9.74
N LYS A 191 14.71 -3.55 -8.45
CA LYS A 191 15.47 -2.98 -7.36
C LYS A 191 16.97 -3.38 -7.47
N GLY A 192 17.24 -4.63 -7.82
CA GLY A 192 18.61 -5.09 -7.97
C GLY A 192 19.43 -4.29 -8.97
N LEU A 193 18.84 -4.11 -10.15
CA LEU A 193 19.44 -3.42 -11.25
C LEU A 193 19.63 -1.99 -10.93
N VAL A 194 18.63 -1.37 -10.34
CA VAL A 194 18.66 0.05 -10.10
C VAL A 194 19.61 0.36 -8.93
N THR A 195 19.60 -0.46 -7.87
CA THR A 195 20.44 -0.18 -6.71
C THR A 195 21.84 -0.79 -6.81
N GLU A 196 22.10 -1.59 -7.85
CA GLU A 196 23.34 -2.40 -7.93
C GLU A 196 23.65 -3.16 -6.63
N THR A 197 22.66 -3.90 -6.14
CA THR A 197 22.68 -4.64 -4.89
C THR A 197 22.50 -6.07 -5.35
N PRO A 198 23.21 -7.03 -4.72
CA PRO A 198 22.90 -8.45 -5.05
C PRO A 198 21.46 -8.88 -4.78
N LEU A 199 20.87 -9.71 -5.63
CA LEU A 199 19.49 -10.08 -5.43
C LEU A 199 19.31 -10.82 -4.07
N PHE A 200 20.25 -11.67 -3.67
CA PHE A 200 20.17 -12.41 -2.41
C PHE A 200 20.04 -11.41 -1.23
N ASP A 201 20.91 -10.43 -1.22
CA ASP A 201 20.94 -9.45 -0.15
C ASP A 201 19.63 -8.68 0.00
N LEU A 202 19.12 -8.16 -1.10
CA LEU A 202 17.91 -7.32 -1.00
C LEU A 202 16.68 -8.15 -0.74
N THR A 203 16.66 -9.41 -1.16
CA THR A 203 15.56 -10.32 -0.85
C THR A 203 15.43 -10.60 0.63
N PHE A 204 16.50 -11.10 1.24
CA PHE A 204 16.50 -11.38 2.66
C PHE A 204 16.47 -10.10 3.50
N ALA A 205 17.01 -8.98 3.01
CA ALA A 205 16.93 -7.71 3.79
C ALA A 205 15.44 -7.34 3.95
N ALA A 206 14.68 -7.54 2.88
CA ALA A 206 13.23 -7.29 2.86
C ALA A 206 12.46 -8.25 3.78
N ILE A 207 12.77 -9.53 3.66
CA ILE A 207 12.16 -10.52 4.52
C ILE A 207 12.47 -10.28 6.00
N GLU A 208 13.71 -9.94 6.33
CA GLU A 208 14.07 -9.78 7.73
C GLU A 208 13.47 -8.55 8.44
N GLN A 209 12.86 -7.63 7.67
CA GLN A 209 12.16 -6.50 8.25
C GLN A 209 10.65 -6.72 8.49
N MET A 210 10.09 -7.83 8.03
CA MET A 210 8.74 -8.17 8.32
C MET A 210 8.51 -8.17 9.81
N GLU A 211 7.36 -7.63 10.19
CA GLU A 211 6.93 -7.66 11.61
C GLU A 211 6.81 -9.13 12.08
N VAL A 212 6.24 -10.00 11.25
CA VAL A 212 6.11 -11.41 11.63
C VAL A 212 7.46 -12.11 11.81
N TYR A 213 8.46 -11.72 11.02
CA TYR A 213 9.85 -12.24 11.22
C TYR A 213 10.41 -11.84 12.63
N HIS A 214 10.14 -10.61 13.05
CA HIS A 214 10.64 -10.09 14.34
C HIS A 214 10.01 -10.79 15.59
N LYS A 215 8.87 -11.43 15.43
CA LYS A 215 8.22 -12.13 16.52
C LYS A 215 7.97 -13.63 16.25
N ASP A 216 8.67 -14.23 15.32
CA ASP A 216 8.51 -15.66 15.10
C ASP A 216 9.85 -16.38 14.93
N ALA A 217 10.36 -16.92 16.02
CA ALA A 217 11.66 -17.57 16.04
C ALA A 217 11.69 -18.72 14.96
N PRO A 218 10.63 -19.52 14.85
CA PRO A 218 10.60 -20.60 13.86
C PRO A 218 10.77 -20.17 12.40
N LEU A 219 10.09 -19.07 12.03
CA LEU A 219 10.23 -18.54 10.69
C LEU A 219 11.66 -18.06 10.58
N ARG A 220 12.18 -17.34 11.59
CA ARG A 220 13.59 -16.95 11.52
C ARG A 220 14.55 -18.11 11.31
N THR A 221 14.28 -19.22 11.99
CA THR A 221 15.15 -20.43 11.91
C THR A 221 15.08 -21.07 10.53
N ALA A 222 13.86 -21.17 10.00
CA ALA A 222 13.66 -21.74 8.69
C ALA A 222 14.33 -20.89 7.60
N LEU A 223 14.21 -19.58 7.72
CA LEU A 223 14.83 -18.67 6.80
C LEU A 223 16.35 -18.75 6.89
N SER A 224 16.85 -18.84 8.11
CA SER A 224 18.26 -19.06 8.30
C SER A 224 18.75 -20.34 7.58
N SER A 225 17.99 -21.40 7.63
CA SER A 225 18.32 -22.64 6.91
C SER A 225 18.29 -22.44 5.38
N LEU A 226 17.33 -21.65 4.88
CA LEU A 226 17.28 -21.40 3.46
C LEU A 226 18.44 -20.55 3.03
N LYS A 227 18.80 -19.53 3.79
CA LYS A 227 19.92 -18.71 3.37
C LYS A 227 21.21 -19.52 3.24
N ASP A 228 21.41 -20.44 4.18
CA ASP A 228 22.58 -21.30 4.21
C ASP A 228 22.66 -22.17 2.97
N PHE A 229 21.50 -22.62 2.48
CA PHE A 229 21.44 -23.39 1.24
C PHE A 229 21.69 -22.49 0.02
N LEU A 230 21.02 -21.35 -0.02
CA LEU A 230 21.13 -20.45 -1.19
C LEU A 230 22.40 -19.66 -1.28
N ARG A 231 23.01 -19.31 -0.16
CA ARG A 231 24.18 -18.41 -0.22
C ARG A 231 25.32 -18.87 -1.19
N PRO A 232 25.74 -20.14 -1.14
CA PRO A 232 26.78 -20.60 -2.08
C PRO A 232 26.28 -21.04 -3.47
N ARG A 233 24.97 -20.94 -3.73
CA ARG A 233 24.39 -21.31 -5.00
C ARG A 233 24.01 -20.09 -5.85
N VAL A 234 23.53 -19.00 -5.24
CA VAL A 234 23.08 -17.84 -6.04
C VAL A 234 24.25 -16.89 -6.05
N PRO A 235 24.27 -15.92 -6.96
CA PRO A 235 25.37 -14.95 -6.98
C PRO A 235 25.60 -14.20 -5.67
N THR A 236 26.86 -13.88 -5.37
CA THR A 236 27.16 -12.99 -4.24
C THR A 236 27.26 -11.56 -4.73
N ASP A 237 27.57 -11.37 -6.00
CA ASP A 237 27.66 -10.05 -6.62
C ASP A 237 26.25 -9.55 -7.06
N ALA A 238 26.23 -8.40 -7.73
CA ALA A 238 25.01 -7.78 -8.25
C ALA A 238 24.47 -8.36 -9.57
N SER A 239 25.03 -9.44 -10.09
CA SER A 239 24.61 -9.85 -11.45
C SER A 239 23.27 -10.51 -11.47
N ILE A 240 22.62 -10.47 -12.62
CA ILE A 240 21.35 -11.17 -12.83
C ILE A 240 21.70 -12.51 -13.51
N THR A 241 22.29 -13.44 -12.79
CA THR A 241 22.63 -14.73 -13.37
C THR A 241 22.12 -15.93 -12.53
N PRO A 242 21.90 -17.10 -13.13
CA PRO A 242 21.18 -18.21 -12.46
C PRO A 242 22.08 -19.13 -11.61
N PRO A 243 21.56 -19.78 -10.57
CA PRO A 243 20.21 -19.65 -10.08
C PRO A 243 20.10 -18.34 -9.36
N LEU A 244 18.95 -17.69 -9.42
CA LEU A 244 18.80 -16.43 -8.70
C LEU A 244 17.50 -16.33 -7.95
N THR A 245 17.51 -15.55 -6.87
CA THR A 245 16.32 -15.34 -6.11
C THR A 245 15.50 -14.21 -6.81
N GLY A 246 14.55 -14.60 -7.62
CA GLY A 246 13.85 -13.65 -8.51
C GLY A 246 12.47 -13.11 -8.08
N LEU A 247 11.77 -13.85 -7.24
CA LEU A 247 10.48 -13.41 -6.72
C LEU A 247 10.40 -13.69 -5.24
N ILE A 248 9.72 -12.79 -4.52
CA ILE A 248 9.16 -13.07 -3.18
C ILE A 248 7.61 -13.14 -3.26
N GLY A 249 7.03 -14.21 -2.75
CA GLY A 249 5.60 -14.42 -2.79
C GLY A 249 4.98 -14.34 -1.41
N VAL A 250 3.84 -13.66 -1.27
CA VAL A 250 3.07 -13.79 0.00
C VAL A 250 1.64 -14.10 -0.30
N ASP A 251 0.93 -14.69 0.67
CA ASP A 251 -0.54 -14.77 0.68
C ASP A 251 -1.09 -13.49 1.37
N CYS A 252 -2.16 -12.94 0.80
CA CYS A 252 -2.77 -11.68 1.26
C CYS A 252 -3.82 -12.01 2.31
N ILE A 253 -3.32 -12.54 3.43
CA ILE A 253 -4.14 -13.03 4.57
C ILE A 253 -3.38 -12.64 5.85
N ASP A 254 -3.97 -12.92 7.01
CA ASP A 254 -3.33 -12.64 8.31
C ASP A 254 -1.85 -13.00 8.18
N PRO A 255 -0.93 -12.06 8.48
CA PRO A 255 0.49 -12.35 8.33
C PRO A 255 0.97 -13.62 9.03
N MET A 256 0.39 -13.88 10.19
CA MET A 256 0.77 -15.04 10.97
C MET A 256 0.39 -16.35 10.29
N LEU A 257 -0.49 -16.33 9.29
CA LEU A 257 -0.87 -17.53 8.49
C LEU A 257 -0.36 -17.56 7.04
N SER A 258 0.19 -16.46 6.57
CA SER A 258 0.56 -16.35 5.18
C SER A 258 1.84 -17.17 4.93
N ARG A 259 1.92 -17.86 3.81
CA ARG A 259 3.14 -18.54 3.40
C ARG A 259 4.02 -17.53 2.74
N LEU A 260 5.22 -17.40 3.24
CA LEU A 260 6.27 -16.69 2.61
C LEU A 260 6.96 -17.61 1.58
N LYS A 261 7.03 -17.19 0.31
CA LYS A 261 7.72 -17.94 -0.80
C LYS A 261 9.01 -17.20 -1.34
N VAL A 262 10.13 -17.92 -1.47
CA VAL A 262 11.32 -17.47 -2.18
C VAL A 262 11.45 -18.34 -3.46
N TYR A 263 11.39 -17.67 -4.61
CA TYR A 263 11.32 -18.32 -5.89
C TYR A 263 12.66 -18.16 -6.54
N LEU A 264 13.26 -19.29 -6.86
CA LEU A 264 14.46 -19.30 -7.75
C LEU A 264 14.18 -19.48 -9.23
N ALA A 265 14.95 -18.79 -10.05
CA ALA A 265 14.89 -18.90 -11.51
C ALA A 265 16.23 -19.41 -11.96
N THR A 266 16.22 -20.42 -12.76
CA THR A 266 17.46 -20.97 -13.30
C THR A 266 17.21 -21.67 -14.64
N PHE A 267 18.21 -21.78 -15.50
CA PHE A 267 18.04 -22.50 -16.77
C PHE A 267 18.53 -23.93 -16.76
N ARG A 268 19.44 -24.25 -15.87
CA ARG A 268 20.05 -25.56 -15.83
C ARG A 268 19.28 -26.49 -14.89
N MET A 269 18.93 -27.67 -15.41
CA MET A 269 18.29 -28.69 -14.57
C MET A 269 18.64 -30.08 -15.08
N ASP A 270 19.02 -30.96 -14.20
CA ASP A 270 19.20 -32.38 -14.52
C ASP A 270 18.83 -33.14 -13.27
N LEU A 271 19.00 -34.47 -13.23
CA LEU A 271 18.58 -35.21 -12.04
C LEU A 271 19.38 -34.81 -10.79
N SER A 272 20.69 -34.53 -10.94
CA SER A 272 21.51 -34.14 -9.77
C SER A 272 21.13 -32.73 -9.25
N LEU A 273 20.82 -31.79 -10.14
CA LEU A 273 20.21 -30.53 -9.72
C LEU A 273 18.82 -30.67 -9.09
N ILE A 274 17.94 -31.47 -9.66
CA ILE A 274 16.66 -31.76 -9.00
C ILE A 274 16.88 -32.15 -7.59
N ARG A 275 17.73 -33.15 -7.34
CA ARG A 275 17.93 -33.64 -5.96
C ARG A 275 18.47 -32.56 -5.03
N ASP A 276 19.44 -31.82 -5.50
CA ASP A 276 20.01 -30.73 -4.78
C ASP A 276 18.91 -29.76 -4.30
N TYR A 277 18.09 -29.30 -5.25
CA TYR A 277 17.00 -28.33 -4.92
C TYR A 277 15.96 -28.95 -3.97
N TRP A 278 15.59 -30.20 -4.26
CA TRP A 278 14.45 -30.84 -3.63
C TRP A 278 14.79 -31.17 -2.18
N THR A 279 16.02 -31.64 -1.97
CA THR A 279 16.47 -32.04 -0.61
C THR A 279 17.23 -30.95 0.11
N LEU A 280 17.40 -29.81 -0.55
CA LEU A 280 18.26 -28.76 -0.07
C LEU A 280 19.67 -29.26 0.27
N GLY A 281 20.35 -29.73 -0.76
CA GLY A 281 21.69 -30.25 -0.73
C GLY A 281 21.94 -31.34 0.29
N GLY A 282 20.97 -32.22 0.52
CA GLY A 282 21.04 -33.29 1.50
C GLY A 282 20.58 -32.94 2.91
N LEU A 283 20.01 -31.75 3.12
CA LEU A 283 19.48 -31.38 4.44
C LEU A 283 18.27 -32.25 4.82
N LEU A 284 17.46 -32.62 3.81
CA LEU A 284 16.24 -33.39 3.99
C LEU A 284 16.50 -34.78 3.48
N THR A 285 16.18 -35.77 4.31
CA THR A 285 16.41 -37.16 3.99
C THR A 285 15.27 -38.11 4.36
N ASP A 286 14.18 -37.62 4.97
CA ASP A 286 13.07 -38.47 5.41
C ASP A 286 12.44 -39.27 4.25
N ALA A 287 11.57 -40.22 4.59
CA ALA A 287 10.92 -41.08 3.60
C ALA A 287 10.08 -40.26 2.62
N GLY A 288 9.32 -39.33 3.16
CA GLY A 288 8.42 -38.49 2.39
C GLY A 288 9.19 -37.72 1.34
N THR A 289 10.18 -36.98 1.79
CA THR A 289 11.09 -36.26 0.89
C THR A 289 11.57 -37.15 -0.23
N MET A 290 12.06 -38.35 0.13
CA MET A 290 12.70 -39.22 -0.88
C MET A 290 11.66 -39.76 -1.87
N LYS A 291 10.45 -40.03 -1.39
CA LYS A 291 9.34 -40.43 -2.24
C LYS A 291 8.92 -39.35 -3.23
N GLY A 292 8.91 -38.09 -2.78
CA GLY A 292 8.68 -36.96 -3.65
C GLY A 292 9.76 -36.83 -4.69
N LEU A 293 11.01 -36.97 -4.27
CA LEU A 293 12.10 -36.84 -5.21
C LEU A 293 11.95 -37.76 -6.39
N GLU A 294 11.59 -39.00 -6.10
CA GLU A 294 11.38 -40.01 -7.13
C GLU A 294 10.33 -39.57 -8.13
N MET A 295 9.21 -39.05 -7.62
CA MET A 295 8.11 -38.51 -8.43
C MET A 295 8.57 -37.42 -9.43
N VAL A 296 9.27 -36.43 -8.89
CA VAL A 296 9.78 -35.34 -9.67
C VAL A 296 10.75 -35.87 -10.73
N GLU A 297 11.62 -36.80 -10.35
CA GLU A 297 12.59 -37.38 -11.30
C GLU A 297 11.87 -38.07 -12.47
N THR A 298 10.86 -38.86 -12.12
CA THR A 298 10.04 -39.59 -13.07
C THR A 298 9.34 -38.60 -14.00
N LEU A 299 8.77 -37.53 -13.42
CA LEU A 299 8.20 -36.45 -14.26
C LEU A 299 9.21 -35.86 -15.24
N ALA A 300 10.40 -35.57 -14.80
CA ALA A 300 11.37 -34.95 -15.72
C ALA A 300 11.80 -35.90 -16.87
N LYS A 301 11.87 -37.20 -16.59
CA LYS A 301 12.11 -38.23 -17.62
C LYS A 301 10.98 -38.22 -18.61
N THR A 302 9.74 -38.29 -18.14
CA THR A 302 8.62 -38.28 -19.07
C THR A 302 8.56 -37.06 -20.02
N LEU A 303 9.05 -35.90 -19.62
CA LEU A 303 8.97 -34.71 -20.46
C LEU A 303 10.19 -34.56 -21.36
N ARG A 317 13.06 -19.86 -24.74
CA ARG A 317 12.80 -20.78 -23.64
C ARG A 317 12.82 -20.20 -22.24
N LEU A 318 11.90 -20.65 -21.39
CA LEU A 318 11.73 -20.07 -20.02
C LEU A 318 12.64 -20.71 -18.98
N PRO A 319 12.98 -20.01 -17.91
CA PRO A 319 13.69 -20.71 -16.84
C PRO A 319 12.85 -21.71 -16.06
N PHE A 320 13.50 -22.68 -15.42
CA PHE A 320 12.87 -23.50 -14.44
C PHE A 320 12.64 -22.58 -13.20
N GLY A 321 11.68 -22.95 -12.36
CA GLY A 321 11.45 -22.28 -11.07
C GLY A 321 11.58 -23.27 -9.94
N ILE A 322 12.12 -22.80 -8.82
CA ILE A 322 12.17 -23.54 -7.61
C ILE A 322 11.63 -22.65 -6.48
N ASN A 323 10.50 -23.04 -5.90
CA ASN A 323 9.80 -22.17 -4.92
C ASN A 323 9.78 -22.76 -3.54
N TYR A 324 10.48 -22.12 -2.60
CA TYR A 324 10.57 -22.55 -1.19
C TYR A 324 9.52 -21.75 -0.46
N ALA A 325 8.52 -22.47 0.09
CA ALA A 325 7.38 -21.90 0.83
C ALA A 325 7.59 -22.17 2.31
N MET A 326 7.51 -21.10 3.13
CA MET A 326 7.71 -21.18 4.58
C MET A 326 6.52 -20.49 5.29
N LYS A 327 6.07 -21.07 6.40
CA LYS A 327 4.90 -20.58 7.15
C LYS A 327 5.33 -20.21 8.56
N PRO A 328 4.82 -19.09 9.11
CA PRO A 328 5.19 -18.83 10.49
C PRO A 328 4.87 -20.01 11.45
N GLY A 329 5.66 -20.18 12.49
CA GLY A 329 5.42 -21.30 13.38
C GLY A 329 6.00 -22.66 12.95
N THR A 330 6.57 -22.78 11.74
CA THR A 330 7.30 -23.97 11.32
C THR A 330 8.77 -23.66 11.20
N ALA A 331 9.59 -24.37 11.97
CA ALA A 331 11.06 -24.20 11.98
C ALA A 331 11.81 -24.89 10.86
N GLU A 332 11.25 -25.96 10.30
CA GLU A 332 12.01 -26.77 9.40
C GLU A 332 11.55 -26.48 7.97
N LEU A 333 12.52 -26.45 7.03
CA LEU A 333 12.20 -26.32 5.61
C LEU A 333 11.63 -27.57 5.05
N ALA A 334 10.63 -27.38 4.20
CA ALA A 334 10.03 -28.45 3.42
C ALA A 334 10.67 -28.43 2.02
N PRO A 335 10.47 -29.51 1.23
CA PRO A 335 10.90 -29.50 -0.18
C PRO A 335 10.23 -28.37 -0.97
N PRO A 336 10.90 -27.83 -2.00
CA PRO A 336 10.23 -26.78 -2.80
C PRO A 336 9.19 -27.36 -3.76
N GLN A 337 8.44 -26.49 -4.41
CA GLN A 337 7.69 -26.88 -5.59
C GLN A 337 8.62 -26.58 -6.79
N ILE A 338 8.68 -27.49 -7.76
CA ILE A 338 9.52 -27.32 -8.96
C ILE A 338 8.68 -27.00 -10.22
N TYR A 339 9.00 -25.88 -10.88
CA TYR A 339 8.28 -25.45 -12.09
C TYR A 339 9.02 -25.81 -13.38
N PHE A 340 8.45 -26.73 -14.14
CA PHE A 340 9.00 -27.10 -15.46
C PHE A 340 8.46 -26.13 -16.51
N PRO A 341 9.31 -25.52 -17.34
CA PRO A 341 8.86 -24.60 -18.37
C PRO A 341 8.51 -25.33 -19.64
N LEU A 342 7.35 -25.05 -20.22
CA LEU A 342 6.81 -25.85 -21.33
C LEU A 342 6.61 -25.11 -22.61
N LEU A 343 6.94 -23.82 -22.61
CA LEU A 343 6.81 -23.00 -23.78
C LEU A 343 7.70 -23.60 -24.88
N GLY A 344 7.16 -23.80 -26.10
CA GLY A 344 7.97 -24.27 -27.23
C GLY A 344 7.96 -25.80 -27.41
N ILE A 345 7.49 -26.52 -26.40
CA ILE A 345 7.26 -27.91 -26.51
C ILE A 345 5.84 -28.17 -26.98
N ASN A 346 5.65 -29.15 -27.86
CA ASN A 346 4.32 -29.47 -28.45
C ASN A 346 3.26 -29.83 -27.43
N ASP A 347 2.08 -29.20 -27.50
CA ASP A 347 1.05 -29.42 -26.45
C ASP A 347 0.40 -30.79 -26.52
N GLY A 348 0.38 -31.39 -27.72
CA GLY A 348 -0.04 -32.83 -27.80
C GLY A 348 0.92 -33.75 -27.05
N PHE A 349 2.21 -33.57 -27.28
CA PHE A 349 3.23 -34.34 -26.55
C PHE A 349 3.03 -34.17 -25.03
N ILE A 350 2.91 -32.90 -24.58
CA ILE A 350 2.77 -32.63 -23.16
C ILE A 350 1.57 -33.36 -22.61
N ALA A 351 0.45 -33.33 -23.34
CA ALA A 351 -0.73 -34.03 -22.90
C ALA A 351 -0.49 -35.55 -22.73
N ASP A 352 0.17 -36.16 -23.74
CA ASP A 352 0.56 -37.58 -23.68
C ASP A 352 1.50 -37.84 -22.47
N ALA A 353 2.49 -36.98 -22.30
CA ALA A 353 3.37 -37.05 -21.13
C ALA A 353 2.66 -36.97 -19.78
N LEU A 354 1.63 -36.12 -19.68
CA LEU A 354 0.88 -35.92 -18.45
C LEU A 354 0.00 -37.16 -18.11
N VAL A 355 -0.62 -37.74 -19.13
CA VAL A 355 -1.35 -38.98 -19.01
C VAL A 355 -0.43 -40.07 -18.45
N GLU A 356 0.73 -40.29 -19.08
CA GLU A 356 1.74 -41.27 -18.61
C GLU A 356 2.06 -41.03 -17.11
N PHE A 357 2.30 -39.77 -16.76
CA PHE A 357 2.65 -39.39 -15.38
C PHE A 357 1.51 -39.65 -14.43
N PHE A 358 0.31 -39.30 -14.84
CA PHE A 358 -0.83 -39.60 -14.02
C PHE A 358 -1.00 -41.10 -13.76
N GLN A 359 -0.72 -41.92 -14.78
CA GLN A 359 -0.75 -43.41 -14.64
C GLN A 359 0.28 -43.83 -13.63
N TYR A 360 1.51 -43.38 -13.82
CA TYR A 360 2.57 -43.60 -12.86
C TYR A 360 2.13 -43.28 -11.43
N MET A 361 1.40 -42.19 -11.24
CA MET A 361 0.96 -41.79 -9.88
C MET A 361 -0.21 -42.57 -9.34
N GLY A 362 -0.87 -43.31 -10.23
CA GLY A 362 -2.03 -44.04 -9.87
C GLY A 362 -3.27 -43.23 -9.93
N TRP A 363 -3.24 -42.13 -10.68
CA TRP A 363 -4.39 -41.22 -10.77
C TRP A 363 -5.04 -41.56 -12.08
N GLU A 364 -5.69 -42.71 -12.08
CA GLU A 364 -6.18 -43.27 -13.35
C GLU A 364 -7.34 -42.43 -13.95
N ASP A 365 -8.23 -41.94 -13.08
CA ASP A 365 -9.31 -41.05 -13.55
C ASP A 365 -8.80 -39.74 -14.25
N GLN A 366 -7.86 -39.02 -13.63
CA GLN A 366 -7.17 -37.89 -14.28
C GLN A 366 -6.54 -38.36 -15.57
N ALA A 367 -5.87 -39.51 -15.52
CA ALA A 367 -5.18 -40.00 -16.74
C ALA A 367 -6.15 -40.17 -17.88
N ASN A 368 -7.31 -40.77 -17.62
CA ASN A 368 -8.30 -41.04 -18.66
C ASN A 368 -9.05 -39.80 -19.18
N ARG A 369 -9.20 -38.81 -18.33
CA ARG A 369 -9.87 -37.56 -18.76
C ARG A 369 -8.92 -36.47 -19.31
N TYR A 370 -7.60 -36.56 -19.15
CA TYR A 370 -6.80 -35.33 -19.35
C TYR A 370 -6.92 -34.80 -20.77
N LYS A 371 -6.72 -35.68 -21.76
CA LYS A 371 -6.72 -35.26 -23.17
C LYS A 371 -8.04 -34.70 -23.64
N ASP A 372 -9.11 -35.38 -23.29
CA ASP A 372 -10.41 -34.98 -23.81
C ASP A 372 -10.79 -33.58 -23.25
N GLU A 373 -10.56 -33.44 -21.94
CA GLU A 373 -10.87 -32.22 -21.19
C GLU A 373 -10.02 -31.06 -21.72
N LEU A 374 -8.75 -31.31 -22.04
CA LEU A 374 -7.89 -30.32 -22.66
C LEU A 374 -8.45 -29.79 -23.97
N LYS A 375 -8.96 -30.68 -24.83
CA LYS A 375 -9.49 -30.23 -26.13
C LYS A 375 -10.73 -29.46 -25.92
N ALA A 376 -11.56 -29.93 -24.98
CA ALA A 376 -12.75 -29.21 -24.59
C ALA A 376 -12.48 -27.82 -23.90
N LYS A 377 -11.39 -27.67 -23.15
CA LYS A 377 -10.97 -26.34 -22.59
C LYS A 377 -10.70 -25.31 -23.70
N PHE A 378 -10.09 -25.74 -24.81
CA PHE A 378 -9.59 -24.86 -25.88
C PHE A 378 -10.21 -25.21 -27.24
N PRO A 379 -11.54 -25.14 -27.33
CA PRO A 379 -12.21 -25.60 -28.52
C PRO A 379 -11.92 -24.82 -29.80
N ASN A 380 -11.35 -23.62 -29.74
CA ASN A 380 -11.07 -22.86 -30.97
C ASN A 380 -9.65 -22.99 -31.51
N VAL A 381 -8.81 -23.85 -30.90
CA VAL A 381 -7.46 -24.07 -31.41
C VAL A 381 -7.28 -25.58 -31.46
N ASP A 382 -6.50 -26.05 -32.42
CA ASP A 382 -6.04 -27.43 -32.41
C ASP A 382 -4.79 -27.55 -31.51
N ILE A 383 -5.01 -28.08 -30.31
CA ILE A 383 -3.99 -28.32 -29.30
C ILE A 383 -2.81 -29.12 -29.79
N SER A 384 -3.08 -30.12 -30.60
CA SER A 384 -2.01 -30.95 -31.19
C SER A 384 -1.04 -30.21 -32.11
N GLN A 385 -1.42 -29.00 -32.50
CA GLN A 385 -0.59 -28.15 -33.35
C GLN A 385 0.09 -27.03 -32.60
N THR A 386 -0.31 -26.72 -31.36
CA THR A 386 0.29 -25.63 -30.64
C THR A 386 1.50 -26.01 -29.80
N LYS A 387 2.34 -25.05 -29.55
CA LYS A 387 3.41 -25.26 -28.60
C LYS A 387 3.48 -24.25 -27.47
N ASN A 388 2.47 -23.38 -27.36
CA ASN A 388 2.48 -22.35 -26.27
C ASN A 388 1.32 -22.38 -25.27
N VAL A 389 0.43 -23.34 -25.39
CA VAL A 389 -0.74 -23.36 -24.53
C VAL A 389 -0.43 -23.82 -23.12
N HIS A 390 0.25 -24.96 -22.97
CA HIS A 390 0.81 -25.33 -21.70
C HIS A 390 2.01 -24.48 -21.49
N ARG A 391 2.05 -23.67 -20.43
CA ARG A 391 3.24 -22.90 -20.25
C ARG A 391 4.14 -23.34 -19.09
N TRP A 392 3.59 -23.90 -18.02
CA TRP A 392 4.37 -24.32 -16.90
C TRP A 392 3.70 -25.53 -16.31
N LEU A 393 4.49 -26.36 -15.66
CA LEU A 393 3.93 -27.41 -14.83
C LEU A 393 4.68 -27.41 -13.53
N GLY A 394 3.95 -27.20 -12.43
CA GLY A 394 4.53 -27.27 -11.11
C GLY A 394 4.23 -28.60 -10.43
N VAL A 395 5.19 -29.12 -9.69
CA VAL A 395 5.02 -30.36 -8.99
C VAL A 395 5.44 -30.20 -7.57
N ALA A 396 4.62 -30.73 -6.65
CA ALA A 396 4.80 -30.54 -5.22
C ALA A 396 4.47 -31.83 -4.45
N TYR A 397 5.09 -32.01 -3.29
CA TYR A 397 4.74 -33.11 -2.36
C TYR A 397 4.59 -32.51 -0.99
N SER A 398 3.56 -32.90 -0.27
CA SER A 398 3.32 -32.32 1.05
C SER A 398 3.13 -33.29 2.22
N GLU A 399 3.16 -32.73 3.43
CA GLU A 399 2.96 -33.48 4.66
C GLU A 399 1.59 -33.04 5.16
N THR A 400 0.72 -34.00 5.46
CA THR A 400 -0.66 -33.73 5.90
C THR A 400 -1.55 -33.46 4.66
N LYS A 401 -0.93 -33.61 3.49
CA LYS A 401 -1.49 -33.44 2.17
C LYS A 401 -1.21 -34.17 0.87
N GLY A 402 -0.11 -34.90 0.76
CA GLY A 402 0.12 -35.57 -0.55
C GLY A 402 0.79 -34.87 -1.73
N PRO A 403 0.77 -35.50 -2.91
CA PRO A 403 1.34 -34.90 -4.12
C PRO A 403 0.35 -34.01 -4.87
N SER A 404 0.93 -33.01 -5.52
CA SER A 404 0.21 -32.01 -6.31
C SER A 404 0.89 -31.68 -7.63
N MET A 405 0.04 -31.38 -8.59
CA MET A 405 0.42 -31.03 -9.97
C MET A 405 -0.23 -29.65 -10.34
N ASN A 406 0.53 -28.64 -10.66
CA ASN A 406 -0.09 -27.37 -11.05
C ASN A 406 0.14 -27.15 -12.52
N ILE A 407 -0.91 -27.04 -13.28
CA ILE A 407 -0.78 -26.86 -14.71
C ILE A 407 -1.22 -25.44 -15.15
N TYR A 408 -0.29 -24.66 -15.70
CA TYR A 408 -0.53 -23.26 -16.09
C TYR A 408 -0.74 -23.14 -17.58
N TYR A 409 -1.88 -22.56 -17.96
CA TYR A 409 -2.22 -22.38 -19.34
C TYR A 409 -2.19 -20.88 -19.76
N ASP A 410 -1.72 -20.69 -20.97
CA ASP A 410 -1.79 -19.42 -21.66
C ASP A 410 -3.13 -19.46 -22.34
N VAL A 411 -4.15 -19.03 -21.56
CA VAL A 411 -5.52 -19.11 -22.01
C VAL A 411 -5.73 -18.36 -23.32
N VAL A 412 -5.15 -17.15 -23.45
CA VAL A 412 -5.34 -16.40 -24.69
C VAL A 412 -4.73 -17.20 -25.91
N ALA A 413 -3.47 -17.68 -25.80
CA ALA A 413 -2.88 -18.54 -26.87
C ALA A 413 -3.79 -19.72 -27.18
N GLY A 414 -4.51 -20.26 -26.19
CA GLY A 414 -5.51 -21.30 -26.39
C GLY A 414 -6.81 -20.89 -27.02
N ASN A 415 -6.97 -19.59 -27.34
CA ASN A 415 -8.26 -19.06 -27.82
C ASN A 415 -8.32 -18.35 -29.16
N VAL A 416 -7.22 -17.70 -29.52
CA VAL A 416 -7.17 -16.78 -30.68
C VAL A 416 -7.13 -17.57 -31.99
N ARG B 6 -12.78 35.56 -10.75
CA ARG B 6 -11.83 34.96 -9.75
C ARG B 6 -11.65 33.44 -9.97
N PRO B 7 -10.45 32.93 -9.70
CA PRO B 7 -10.20 31.55 -10.14
C PRO B 7 -11.17 30.46 -9.65
N TRP B 8 -11.67 30.59 -8.43
CA TRP B 8 -12.58 29.59 -7.84
C TRP B 8 -13.93 29.59 -8.58
N GLN B 9 -14.33 30.76 -9.06
CA GLN B 9 -15.55 30.94 -9.81
C GLN B 9 -15.34 30.48 -11.25
N ILE B 10 -14.19 30.78 -11.84
CA ILE B 10 -13.93 30.35 -13.17
C ILE B 10 -13.90 28.81 -13.26
N LEU B 11 -13.32 28.17 -12.28
CA LEU B 11 -13.15 26.73 -12.31
C LEU B 11 -14.54 26.08 -12.11
N SER B 12 -15.33 26.59 -11.19
CA SER B 12 -16.72 26.14 -11.05
C SER B 12 -17.53 26.20 -12.39
N GLN B 13 -17.40 27.29 -13.13
CA GLN B 13 -18.05 27.46 -14.44
C GLN B 13 -17.52 26.52 -15.49
N ALA B 14 -16.21 26.27 -15.48
CA ALA B 14 -15.58 25.45 -16.49
C ALA B 14 -15.77 23.94 -16.20
N LEU B 15 -15.77 23.56 -14.91
CA LEU B 15 -15.72 22.15 -14.53
C LEU B 15 -17.04 21.51 -14.07
N GLY B 16 -17.87 22.32 -13.44
CA GLY B 16 -19.08 21.88 -12.78
C GLY B 16 -18.77 20.88 -11.68
N PHE B 17 -19.70 19.96 -11.40
CA PHE B 17 -19.54 19.04 -10.30
C PHE B 17 -20.11 17.72 -10.71
N PRO B 18 -19.38 16.65 -10.39
CA PRO B 18 -19.97 15.30 -10.67
C PRO B 18 -21.22 14.96 -9.84
N ASN B 19 -21.34 15.55 -8.63
CA ASN B 19 -22.44 15.23 -7.73
C ASN B 19 -22.59 16.37 -6.78
N TYR B 20 -23.68 16.33 -6.04
CA TYR B 20 -24.08 17.47 -5.21
C TYR B 20 -23.18 17.64 -3.95
N ASP B 21 -22.70 16.58 -3.39
CA ASP B 21 -21.76 16.70 -2.31
C ASP B 21 -20.50 17.44 -2.69
N GLN B 22 -19.99 17.10 -3.88
CA GLN B 22 -18.85 17.84 -4.38
C GLN B 22 -19.08 19.34 -4.53
N GLU B 23 -20.26 19.70 -5.06
CA GLU B 23 -20.70 21.06 -5.20
C GLU B 23 -20.80 21.79 -3.85
N LEU B 24 -21.34 21.12 -2.84
CA LEU B 24 -21.46 21.75 -1.53
C LEU B 24 -20.07 21.97 -0.92
N TRP B 25 -19.17 20.97 -1.03
CA TRP B 25 -17.79 21.12 -0.63
C TRP B 25 -17.14 22.39 -1.27
N TRP B 26 -17.30 22.56 -2.58
CA TRP B 26 -16.76 23.67 -3.24
C TRP B 26 -17.38 24.95 -2.67
N GLN B 27 -18.69 25.00 -2.63
CA GLN B 27 -19.38 26.18 -2.19
C GLN B 27 -19.06 26.54 -0.74
N ASN B 28 -18.56 25.60 0.06
CA ASN B 28 -18.23 25.86 1.46
C ASN B 28 -16.74 26.00 1.75
N THR B 29 -15.93 25.86 0.73
CA THR B 29 -14.48 25.93 0.93
C THR B 29 -13.59 26.61 -0.11
N ALA B 30 -13.96 26.54 -1.38
CA ALA B 30 -13.17 27.06 -2.48
C ALA B 30 -12.91 28.58 -2.46
N GLU B 31 -13.92 29.34 -2.10
CA GLU B 31 -13.79 30.79 -1.99
C GLU B 31 -12.75 31.14 -0.93
N THR B 32 -12.87 30.53 0.25
CA THR B 32 -11.89 30.66 1.33
C THR B 32 -10.48 30.25 0.86
N LEU B 33 -10.32 29.05 0.28
CA LEU B 33 -9.02 28.67 -0.24
C LEU B 33 -8.42 29.72 -1.18
N ASN B 34 -9.19 30.16 -2.15
CA ASN B 34 -8.71 31.15 -3.11
C ASN B 34 -8.25 32.42 -2.35
N ARG B 35 -9.00 32.82 -1.34
CA ARG B 35 -8.64 33.99 -0.52
C ARG B 35 -7.28 33.82 0.17
N VAL B 36 -7.14 32.71 0.93
CA VAL B 36 -5.86 32.32 1.54
C VAL B 36 -4.73 32.37 0.48
N LEU B 37 -4.91 31.71 -0.65
CA LEU B 37 -3.86 31.68 -1.67
C LEU B 37 -3.51 33.12 -2.15
N GLU B 38 -4.54 33.92 -2.40
CA GLU B 38 -4.33 35.36 -2.69
C GLU B 38 -3.53 36.10 -1.57
N GLN B 39 -3.93 35.88 -0.32
CA GLN B 39 -3.35 36.61 0.81
C GLN B 39 -1.90 36.27 1.05
N CYS B 40 -1.55 35.02 0.73
CA CYS B 40 -0.19 34.54 0.78
C CYS B 40 0.67 34.90 -0.42
N ASP B 41 0.19 35.71 -1.34
CA ASP B 41 0.94 36.12 -2.50
C ASP B 41 1.31 34.99 -3.47
N TYR B 42 0.43 33.99 -3.61
CA TYR B 42 0.54 33.07 -4.76
C TYR B 42 0.11 33.79 -6.04
N SER B 43 0.89 33.62 -7.11
CA SER B 43 0.51 34.14 -8.39
C SER B 43 -0.85 33.58 -8.84
N VAL B 44 -1.48 34.27 -9.76
CA VAL B 44 -2.73 33.79 -10.36
C VAL B 44 -2.54 32.37 -10.99
N HIS B 45 -1.43 32.11 -11.67
CA HIS B 45 -1.27 30.79 -12.33
C HIS B 45 -1.22 29.65 -11.27
N LEU B 46 -0.61 29.93 -10.09
CA LEU B 46 -0.61 28.96 -8.99
C LEU B 46 -1.98 28.86 -8.31
N GLN B 47 -2.73 29.96 -8.24
CA GLN B 47 -4.08 29.90 -7.70
C GLN B 47 -4.93 28.96 -8.56
N TYR B 48 -4.84 29.12 -9.89
CA TYR B 48 -5.44 28.18 -10.81
C TYR B 48 -4.91 26.72 -10.56
N LYS B 49 -3.59 26.58 -10.50
CA LYS B 49 -2.98 25.27 -10.32
C LYS B 49 -3.56 24.52 -9.13
N TYR B 50 -3.57 25.16 -7.99
CA TYR B 50 -3.95 24.54 -6.75
C TYR B 50 -5.44 24.37 -6.72
N LEU B 51 -6.20 25.35 -7.22
CA LEU B 51 -7.67 25.19 -7.21
C LEU B 51 -8.20 24.11 -8.18
N ALA B 52 -7.59 23.99 -9.34
CA ALA B 52 -7.90 22.94 -10.29
C ALA B 52 -7.58 21.55 -9.69
N PHE B 53 -6.42 21.48 -9.07
CA PHE B 53 -6.03 20.29 -8.32
C PHE B 53 -7.04 19.92 -7.21
N TYR B 54 -7.44 20.93 -6.43
CA TYR B 54 -8.40 20.74 -5.36
C TYR B 54 -9.74 20.21 -5.93
N HIS B 55 -10.22 20.81 -7.05
CA HIS B 55 -11.40 20.34 -7.73
C HIS B 55 -11.35 18.87 -8.15
N LYS B 56 -10.24 18.49 -8.78
CA LYS B 56 -10.17 17.18 -9.45
C LYS B 56 -9.84 16.08 -8.44
N TYR B 57 -8.91 16.34 -7.51
CA TYR B 57 -8.37 15.32 -6.57
C TYR B 57 -8.92 15.32 -5.16
N ILE B 58 -9.28 16.48 -4.67
CA ILE B 58 -9.66 16.60 -3.26
C ILE B 58 -11.15 16.51 -3.09
N LEU B 59 -11.89 17.26 -3.90
CA LEU B 59 -13.31 17.16 -3.82
C LEU B 59 -13.85 15.70 -3.78
N PRO B 60 -13.49 14.83 -4.73
CA PRO B 60 -14.00 13.45 -4.60
C PRO B 60 -13.50 12.69 -3.40
N SER B 61 -12.31 13.01 -2.91
CA SER B 61 -11.78 12.42 -1.69
C SER B 61 -12.52 12.83 -0.40
N LEU B 62 -13.22 13.94 -0.41
CA LEU B 62 -13.84 14.40 0.81
C LEU B 62 -15.14 13.72 1.22
N GLY B 63 -15.70 12.83 0.40
CA GLY B 63 -16.97 12.19 0.79
C GLY B 63 -18.20 13.08 0.86
N PRO B 64 -19.23 12.60 1.51
CA PRO B 64 -20.42 13.44 1.57
C PRO B 64 -20.19 14.64 2.46
N PHE B 65 -20.99 15.67 2.26
CA PHE B 65 -20.90 16.92 3.03
C PHE B 65 -21.93 16.86 4.12
N ARG B 66 -21.49 16.68 5.36
CA ARG B 66 -22.40 16.51 6.45
C ARG B 66 -23.17 17.80 6.66
N ARG B 67 -24.49 17.65 6.80
CA ARG B 67 -25.41 18.80 6.82
C ARG B 67 -26.75 18.36 7.42
N PRO B 68 -27.62 19.32 7.78
CA PRO B 68 -28.82 18.89 8.52
C PRO B 68 -29.68 17.96 7.65
N GLY B 69 -30.12 16.86 8.24
CA GLY B 69 -30.84 15.82 7.50
C GLY B 69 -30.03 14.79 6.69
N VAL B 70 -28.69 14.93 6.58
CA VAL B 70 -27.84 13.95 5.86
C VAL B 70 -26.69 13.60 6.75
N GLU B 71 -26.79 12.49 7.47
CA GLU B 71 -25.78 12.09 8.48
C GLU B 71 -24.95 11.04 7.80
N PRO B 72 -23.68 11.35 7.47
CA PRO B 72 -22.87 10.35 6.79
C PRO B 72 -22.54 9.19 7.68
N GLU B 73 -22.12 8.09 7.08
CA GLU B 73 -21.75 6.95 7.82
C GLU B 73 -20.39 7.17 8.55
N TYR B 74 -19.52 8.01 7.99
CA TYR B 74 -18.22 8.33 8.58
C TYR B 74 -18.14 9.77 9.09
N ILE B 75 -17.68 9.94 10.32
CA ILE B 75 -17.65 11.26 10.95
C ILE B 75 -16.23 11.54 11.33
N SER B 76 -15.70 12.69 10.90
CA SER B 76 -14.30 12.96 11.11
C SER B 76 -14.06 13.78 12.33
N GLY B 77 -12.96 13.50 13.03
CA GLY B 77 -12.54 14.37 14.09
C GLY B 77 -11.71 15.55 13.64
N LEU B 78 -11.58 15.84 12.33
CA LEU B 78 -10.76 16.98 11.90
C LEU B 78 -11.39 18.34 12.11
N SER B 79 -12.70 18.37 12.30
CA SER B 79 -13.37 19.64 12.46
C SER B 79 -14.49 19.46 13.47
N HIS B 80 -15.17 20.57 13.77
CA HIS B 80 -16.26 20.55 14.74
C HIS B 80 -17.57 19.94 14.20
N GLY B 81 -17.94 20.22 12.98
CA GLY B 81 -19.08 19.61 12.34
C GLY B 81 -18.91 18.20 11.79
N GLY B 82 -17.77 17.54 12.01
CA GLY B 82 -17.56 16.19 11.48
C GLY B 82 -17.01 16.11 10.04
N HIS B 83 -16.64 17.26 9.47
CA HIS B 83 -16.13 17.36 8.10
C HIS B 83 -14.61 16.98 8.08
N PRO B 84 -14.20 16.12 7.13
CA PRO B 84 -12.80 15.64 7.07
C PRO B 84 -11.82 16.61 6.35
N LEU B 85 -11.86 17.89 6.75
CA LEU B 85 -11.02 18.96 6.11
C LEU B 85 -10.57 20.05 7.13
N GLU B 86 -9.33 20.51 6.99
CA GLU B 86 -8.83 21.73 7.60
C GLU B 86 -7.96 22.45 6.59
N ILE B 87 -7.89 23.78 6.64
CA ILE B 87 -6.92 24.49 5.87
C ILE B 87 -6.07 25.19 6.94
N SER B 88 -4.77 25.16 6.72
CA SER B 88 -3.83 25.77 7.65
C SER B 88 -2.85 26.65 6.94
N VAL B 89 -2.30 27.61 7.71
CA VAL B 89 -1.24 28.45 7.16
C VAL B 89 0.02 28.26 7.98
N LYS B 90 1.19 28.40 7.39
CA LYS B 90 2.47 28.33 8.10
C LYS B 90 3.09 29.69 7.88
N ILE B 91 3.22 30.38 8.98
CA ILE B 91 3.69 31.70 8.97
C ILE B 91 5.03 31.83 9.58
N ASP B 92 5.86 32.54 8.84
CA ASP B 92 7.13 33.01 9.32
C ASP B 92 7.12 34.53 9.04
N LYS B 93 8.24 35.20 9.14
CA LYS B 93 8.30 36.64 9.01
C LYS B 93 8.24 37.05 7.55
N SER B 94 9.07 36.43 6.71
CA SER B 94 9.07 36.67 5.27
C SER B 94 7.78 36.25 4.57
N LYS B 95 7.32 35.02 4.78
CA LYS B 95 6.30 34.39 3.95
C LYS B 95 5.30 33.58 4.75
N THR B 96 4.20 33.20 4.04
CA THR B 96 3.12 32.37 4.54
C THR B 96 2.78 31.29 3.47
N ILE B 97 2.62 30.05 3.92
CA ILE B 97 2.40 28.85 3.09
C ILE B 97 1.03 28.30 3.49
N CYS B 98 0.26 27.91 2.48
CA CYS B 98 -1.04 27.31 2.69
C CYS B 98 -0.92 25.77 2.66
N ARG B 99 -1.68 25.06 3.50
CA ARG B 99 -1.65 23.57 3.54
C ARG B 99 -3.06 23.03 3.74
N LEU B 100 -3.34 21.85 3.20
CA LEU B 100 -4.65 21.28 3.34
C LEU B 100 -4.48 20.04 4.26
N GLY B 101 -5.39 19.77 5.12
CA GLY B 101 -5.37 18.58 5.93
C GLY B 101 -6.69 17.87 5.70
N LEU B 102 -6.66 16.58 5.42
CA LEU B 102 -7.87 15.86 5.19
C LEU B 102 -7.81 14.39 5.55
N GLN B 103 -8.95 13.75 5.45
CA GLN B 103 -9.09 12.31 5.50
C GLN B 103 -9.79 12.00 4.18
N ALA B 104 -9.16 11.19 3.34
CA ALA B 104 -9.76 10.75 2.09
C ALA B 104 -10.78 9.67 2.41
N ILE B 105 -12.06 9.93 2.16
CA ILE B 105 -13.13 9.03 2.57
C ILE B 105 -13.42 7.98 1.47
N GLY B 106 -13.21 6.69 1.78
CA GLY B 106 -13.69 5.66 0.89
C GLY B 106 -15.21 5.58 0.82
N PRO B 107 -15.75 5.10 -0.29
CA PRO B 107 -17.21 4.94 -0.42
C PRO B 107 -17.92 3.93 0.45
N LEU B 108 -17.20 3.11 1.20
CA LEU B 108 -17.85 2.24 2.24
C LEU B 108 -17.35 2.57 3.62
N ALA B 109 -16.67 3.70 3.77
CA ALA B 109 -16.11 4.10 5.04
C ALA B 109 -17.12 4.12 6.15
N GLY B 110 -16.75 3.57 7.31
CA GLY B 110 -17.62 3.58 8.47
C GLY B 110 -18.74 2.59 8.42
N THR B 111 -18.63 1.56 7.58
CA THR B 111 -19.63 0.45 7.51
C THR B 111 -18.86 -0.82 7.65
N ALA B 112 -19.55 -1.95 7.71
CA ALA B 112 -18.80 -3.19 8.04
C ALA B 112 -17.70 -3.54 7.03
N ARG B 113 -17.90 -3.24 5.75
CA ARG B 113 -16.82 -3.50 4.78
C ARG B 113 -15.62 -2.58 4.91
N ASP B 114 -15.70 -1.48 5.67
CA ASP B 114 -14.47 -0.59 5.88
C ASP B 114 -14.63 0.25 7.16
N PRO B 115 -14.48 -0.39 8.32
CA PRO B 115 -14.91 0.29 9.56
C PRO B 115 -14.04 1.53 9.96
N LEU B 116 -12.77 1.55 9.54
CA LEU B 116 -11.82 2.60 9.95
C LEU B 116 -11.28 3.41 8.79
N ASN B 117 -12.00 3.40 7.67
CA ASN B 117 -11.63 4.11 6.52
C ASN B 117 -10.18 3.83 6.12
N SER B 118 -9.86 2.55 5.93
CA SER B 118 -8.48 2.02 5.67
C SER B 118 -7.89 2.23 4.28
N PHE B 119 -8.65 2.73 3.32
CA PHE B 119 -8.27 2.66 1.92
C PHE B 119 -8.27 3.97 1.16
N GLY B 120 -9.06 4.97 1.59
CA GLY B 120 -9.23 6.17 0.75
C GLY B 120 -7.98 7.00 0.66
N ASP B 121 -7.16 7.10 1.73
CA ASP B 121 -5.94 7.92 1.66
C ASP B 121 -4.91 7.40 0.66
N ARG B 122 -4.69 6.07 0.67
CA ARG B 122 -3.79 5.46 -0.30
C ARG B 122 -4.26 5.53 -1.76
N GLU B 123 -5.53 5.39 -1.97
CA GLU B 123 -6.16 5.66 -3.24
C GLU B 123 -5.85 7.08 -3.73
N LEU B 124 -6.07 8.08 -2.86
CA LEU B 124 -5.67 9.45 -3.21
C LEU B 124 -4.18 9.55 -3.52
N LEU B 125 -3.36 8.97 -2.66
CA LEU B 125 -1.92 8.97 -2.84
C LEU B 125 -1.45 8.29 -4.14
N LYS B 126 -2.13 7.22 -4.55
CA LYS B 126 -1.91 6.58 -5.83
C LYS B 126 -2.17 7.56 -7.01
N ASN B 127 -3.29 8.25 -6.96
CA ASN B 127 -3.58 9.27 -8.00
C ASN B 127 -2.55 10.37 -8.02
N LEU B 128 -2.00 10.74 -6.87
CA LEU B 128 -0.95 11.73 -6.83
C LEU B 128 0.37 11.25 -7.39
N ALA B 129 0.65 9.96 -7.26
CA ALA B 129 1.89 9.36 -7.71
C ALA B 129 1.92 9.31 -9.20
N THR B 130 0.78 9.22 -9.87
CA THR B 130 0.79 9.37 -11.32
C THR B 130 0.65 10.85 -11.78
N LEU B 131 0.13 11.73 -10.94
CA LEU B 131 0.14 13.18 -11.22
C LEU B 131 1.52 13.88 -11.10
N LEU B 132 2.20 13.62 -9.98
CA LEU B 132 3.37 14.33 -9.50
C LEU B 132 4.67 13.46 -9.51
N PRO B 133 5.73 13.91 -10.21
CA PRO B 133 6.98 13.08 -10.27
C PRO B 133 7.67 12.75 -8.93
N HIS B 134 7.56 13.60 -7.92
CA HIS B 134 8.41 13.36 -6.72
C HIS B 134 7.65 12.74 -5.57
N VAL B 135 6.48 12.19 -5.83
CA VAL B 135 5.69 11.60 -4.79
C VAL B 135 6.20 10.17 -4.63
N ASP B 136 6.42 9.75 -3.40
CA ASP B 136 6.99 8.43 -3.12
C ASP B 136 6.12 7.81 -2.05
N LEU B 137 5.67 6.58 -2.27
CA LEU B 137 4.70 5.92 -1.38
C LEU B 137 5.34 4.90 -0.46
N ARG B 138 6.66 4.82 -0.42
CA ARG B 138 7.27 3.68 0.27
C ARG B 138 7.16 3.79 1.77
N LEU B 139 7.21 5.02 2.32
CA LEU B 139 7.05 5.14 3.75
C LEU B 139 5.58 4.99 4.14
N PHE B 140 4.65 5.47 3.30
CA PHE B 140 3.27 5.16 3.50
C PHE B 140 3.08 3.68 3.65
N ASP B 141 3.55 2.93 2.64
CA ASP B 141 3.26 1.54 2.60
C ASP B 141 3.93 0.83 3.82
N HIS B 142 5.13 1.24 4.17
CA HIS B 142 5.80 0.72 5.34
C HIS B 142 4.93 0.87 6.60
N PHE B 143 4.48 2.10 6.92
CA PHE B 143 3.72 2.28 8.16
C PHE B 143 2.28 1.74 8.10
N ASN B 144 1.66 1.73 6.94
CA ASN B 144 0.35 1.08 6.72
C ASN B 144 0.51 -0.46 6.99
N ALA B 145 1.65 -1.04 6.66
CA ALA B 145 1.90 -2.43 7.00
C ALA B 145 2.04 -2.67 8.51
N GLN B 146 2.63 -1.73 9.23
CA GLN B 146 2.95 -1.94 10.62
C GLN B 146 1.82 -1.50 11.51
N VAL B 147 1.01 -0.51 11.14
CA VAL B 147 -0.09 -0.18 12.03
C VAL B 147 -1.50 -0.36 11.48
N GLY B 148 -1.57 -0.78 10.22
CA GLY B 148 -2.86 -1.09 9.64
C GLY B 148 -3.44 -2.33 10.30
N LEU B 149 -4.73 -2.54 10.10
CA LEU B 149 -5.48 -3.62 10.70
C LEU B 149 -6.33 -4.29 9.62
N ASP B 150 -6.64 -5.59 9.83
CA ASP B 150 -7.63 -6.27 8.96
C ASP B 150 -9.05 -5.91 9.38
N ARG B 151 -10.02 -6.35 8.59
CA ARG B 151 -11.40 -5.94 8.79
C ARG B 151 -11.88 -6.24 10.19
N ALA B 152 -11.69 -7.47 10.64
CA ALA B 152 -12.15 -7.87 11.95
C ALA B 152 -11.55 -6.99 13.04
N GLN B 153 -10.27 -6.64 12.92
CA GLN B 153 -9.59 -5.80 13.93
C GLN B 153 -10.16 -4.38 13.88
N CYS B 154 -10.44 -3.86 12.67
CA CYS B 154 -11.04 -2.55 12.56
C CYS B 154 -12.38 -2.53 13.29
N ALA B 155 -13.17 -3.57 13.10
CA ALA B 155 -14.47 -3.68 13.74
C ALA B 155 -14.32 -3.68 15.28
N VAL B 156 -13.33 -4.37 15.82
CA VAL B 156 -13.12 -4.36 17.27
C VAL B 156 -12.77 -2.95 17.72
N ALA B 157 -11.82 -2.31 17.03
CA ALA B 157 -11.44 -0.95 17.39
C ALA B 157 -12.62 0.01 17.39
N THR B 158 -13.58 -0.12 16.47
CA THR B 158 -14.73 0.78 16.45
C THR B 158 -15.62 0.62 17.71
N THR B 159 -15.64 -0.57 18.30
CA THR B 159 -16.34 -0.79 19.60
C THR B 159 -15.63 -0.19 20.82
N LYS B 160 -14.39 0.23 20.69
CA LYS B 160 -13.62 0.75 21.82
C LYS B 160 -13.18 2.22 21.63
N LEU B 161 -13.77 2.91 20.66
CA LEU B 161 -13.34 4.27 20.25
C LEU B 161 -14.56 5.07 19.85
N ILE B 162 -14.54 6.35 20.17
CA ILE B 162 -15.63 7.25 19.79
C ILE B 162 -15.66 7.38 18.27
N LYS B 163 -16.85 7.66 17.78
CA LYS B 163 -17.17 7.89 16.40
C LYS B 163 -16.13 8.74 15.68
N GLU B 164 -15.64 9.79 16.35
CA GLU B 164 -14.75 10.75 15.78
C GLU B 164 -13.33 10.28 15.68
N SER B 165 -13.06 9.06 16.18
CA SER B 165 -11.73 8.44 16.18
C SER B 165 -11.69 7.11 15.42
N HIS B 166 -12.62 6.93 14.47
CA HIS B 166 -12.65 5.72 13.67
C HIS B 166 -11.77 5.85 12.42
N ASN B 167 -10.50 6.12 12.65
CA ASN B 167 -9.53 6.36 11.59
C ASN B 167 -8.17 5.82 11.96
N ILE B 168 -7.37 5.51 10.97
CA ILE B 168 -6.02 5.08 11.17
C ILE B 168 -5.05 6.09 10.51
N VAL B 169 -5.47 6.75 9.45
CA VAL B 169 -4.62 7.67 8.77
C VAL B 169 -5.26 9.00 8.36
N CYS B 170 -4.42 10.00 8.17
CA CYS B 170 -4.83 11.29 7.67
C CYS B 170 -3.71 11.82 6.76
N THR B 171 -4.04 12.71 5.86
CA THR B 171 -3.17 13.22 4.82
C THR B 171 -3.09 14.75 4.84
N SER B 172 -1.92 15.33 4.65
CA SER B 172 -1.81 16.79 4.53
C SER B 172 -1.14 17.07 3.25
N LEU B 173 -1.45 18.20 2.66
CA LEU B 173 -0.82 18.57 1.43
C LEU B 173 -0.28 19.96 1.50
N ASP B 174 1.04 20.10 1.45
CA ASP B 174 1.65 21.40 1.46
C ASP B 174 1.68 22.00 0.06
N LEU B 175 1.14 23.21 -0.06
CA LEU B 175 1.12 23.94 -1.31
C LEU B 175 2.37 24.83 -1.28
N LYS B 176 3.50 24.22 -1.52
CA LYS B 176 4.80 24.82 -1.36
C LYS B 176 5.57 24.98 -2.62
N ASP B 177 6.17 26.16 -2.70
CA ASP B 177 6.79 26.62 -3.92
C ASP B 177 5.57 26.55 -4.89
N GLY B 178 5.73 25.92 -6.05
CA GLY B 178 4.58 25.65 -6.95
C GLY B 178 4.29 24.15 -7.06
N GLU B 179 4.44 23.42 -5.95
CA GLU B 179 4.28 21.96 -5.92
C GLU B 179 3.22 21.57 -4.90
N VAL B 180 2.77 20.32 -4.96
CA VAL B 180 1.93 19.71 -3.93
C VAL B 180 2.83 18.69 -3.25
N ILE B 181 2.97 18.81 -1.94
CA ILE B 181 3.86 18.01 -1.16
C ILE B 181 3.09 17.28 -0.11
N PRO B 182 2.88 15.94 -0.31
CA PRO B 182 2.05 15.21 0.65
C PRO B 182 2.79 14.70 1.85
N LYS B 183 2.09 14.65 2.98
CA LYS B 183 2.54 13.97 4.17
C LYS B 183 1.39 13.23 4.78
N VAL B 184 1.70 12.24 5.59
CA VAL B 184 0.66 11.46 6.21
C VAL B 184 0.99 11.19 7.64
N TYR B 185 -0.05 10.96 8.45
N TYR B 185 -0.05 10.89 8.43
CA TYR B 185 0.11 10.53 9.85
CA TYR B 185 0.07 10.57 9.85
C TYR B 185 -0.66 9.24 10.00
C TYR B 185 -0.73 9.30 10.13
N PHE B 186 -0.11 8.32 10.79
CA PHE B 186 -0.73 7.06 11.11
C PHE B 186 -0.97 7.04 12.58
N SER B 187 -2.15 6.61 12.97
CA SER B 187 -2.50 6.61 14.39
C SER B 187 -2.13 5.24 14.93
N THR B 188 -1.52 5.22 16.11
CA THR B 188 -1.15 3.95 16.77
C THR B 188 -2.28 3.33 17.65
N ILE B 189 -3.33 4.12 17.97
CA ILE B 189 -4.32 3.74 19.00
C ILE B 189 -5.10 2.48 18.67
N PRO B 190 -5.61 2.39 17.40
CA PRO B 190 -6.41 1.19 17.07
C PRO B 190 -5.65 -0.11 17.22
N LYS B 191 -4.41 -0.12 16.78
CA LYS B 191 -3.65 -1.35 16.81
C LYS B 191 -3.32 -1.68 18.27
N GLY B 192 -2.98 -0.65 19.04
CA GLY B 192 -2.66 -0.82 20.43
C GLY B 192 -3.87 -1.29 21.19
N LEU B 193 -5.04 -0.70 20.90
CA LEU B 193 -6.26 -1.18 21.55
C LEU B 193 -6.57 -2.64 21.25
N VAL B 194 -6.40 -3.03 20.00
CA VAL B 194 -6.93 -4.32 19.55
C VAL B 194 -5.93 -5.45 19.89
N THR B 195 -4.65 -5.13 19.82
CA THR B 195 -3.63 -6.07 20.15
C THR B 195 -3.29 -6.05 21.64
N GLU B 196 -3.81 -5.10 22.41
CA GLU B 196 -3.39 -4.85 23.79
C GLU B 196 -1.87 -4.88 23.85
N THR B 197 -1.23 -4.11 22.98
CA THR B 197 0.21 -3.84 22.99
C THR B 197 0.46 -2.42 23.47
N PRO B 198 1.58 -2.17 24.17
CA PRO B 198 1.86 -0.78 24.51
C PRO B 198 2.15 0.11 23.28
N LEU B 199 1.58 1.31 23.27
CA LEU B 199 1.74 2.28 22.17
C LEU B 199 3.21 2.59 21.93
N PHE B 200 3.93 2.82 23.03
CA PHE B 200 5.38 3.00 22.97
C PHE B 200 6.07 1.87 22.21
N ASP B 201 5.82 0.62 22.58
CA ASP B 201 6.44 -0.52 21.90
C ASP B 201 6.00 -0.62 20.44
N LEU B 202 4.70 -0.56 20.18
CA LEU B 202 4.32 -0.73 18.76
C LEU B 202 4.81 0.49 17.92
N THR B 203 4.90 1.68 18.51
CA THR B 203 5.43 2.83 17.75
C THR B 203 6.84 2.60 17.35
N PHE B 204 7.70 2.26 18.34
CA PHE B 204 9.12 2.12 18.07
C PHE B 204 9.44 0.86 17.33
N ALA B 205 8.62 -0.16 17.44
CA ALA B 205 8.80 -1.37 16.61
C ALA B 205 8.61 -1.02 15.11
N ALA B 206 7.49 -0.35 14.80
CA ALA B 206 7.24 0.07 13.40
C ALA B 206 8.42 0.87 12.87
N ILE B 207 8.93 1.79 13.66
CA ILE B 207 10.05 2.59 13.19
C ILE B 207 11.36 1.83 13.03
N GLU B 208 11.66 0.90 13.93
CA GLU B 208 12.92 0.15 13.87
C GLU B 208 12.96 -0.80 12.67
N GLN B 209 11.78 -1.09 12.08
CA GLN B 209 11.71 -1.94 10.89
C GLN B 209 11.79 -1.17 9.59
N MET B 210 11.95 0.14 9.64
CA MET B 210 12.06 0.90 8.40
C MET B 210 13.39 0.55 7.73
N GLU B 211 13.35 0.47 6.40
CA GLU B 211 14.59 0.34 5.62
C GLU B 211 15.62 1.43 5.97
N VAL B 212 15.16 2.67 6.09
CA VAL B 212 16.09 3.79 6.31
C VAL B 212 16.82 3.75 7.66
N TYR B 213 16.13 3.18 8.63
CA TYR B 213 16.64 2.99 9.98
C TYR B 213 17.82 2.05 9.95
N HIS B 214 17.65 0.92 9.28
CA HIS B 214 18.74 -0.04 9.10
C HIS B 214 19.97 0.59 8.34
N LYS B 215 19.70 1.45 7.37
CA LYS B 215 20.74 2.14 6.58
C LYS B 215 21.52 3.31 7.25
N ASP B 216 20.98 3.90 8.33
CA ASP B 216 21.42 5.26 8.78
C ASP B 216 21.69 5.36 10.29
N ALA B 217 22.97 5.35 10.66
CA ALA B 217 23.41 5.38 12.06
C ALA B 217 23.01 6.63 12.89
N PRO B 218 23.08 7.83 12.28
CA PRO B 218 22.59 9.04 12.92
C PRO B 218 21.09 8.98 13.31
N LEU B 219 20.20 8.61 12.38
CA LEU B 219 18.81 8.34 12.74
C LEU B 219 18.68 7.39 13.91
N ARG B 220 19.42 6.29 13.91
CA ARG B 220 19.32 5.33 15.04
C ARG B 220 19.70 5.97 16.38
N THR B 221 20.73 6.80 16.37
CA THR B 221 21.20 7.55 17.56
C THR B 221 20.13 8.51 18.03
N ALA B 222 19.60 9.32 17.12
CA ALA B 222 18.48 10.20 17.47
C ALA B 222 17.34 9.48 18.12
N LEU B 223 16.89 8.38 17.53
CA LEU B 223 15.75 7.65 18.07
C LEU B 223 16.01 7.06 19.46
N SER B 224 17.22 6.56 19.73
CA SER B 224 17.53 6.02 21.09
C SER B 224 17.48 7.13 22.14
N SER B 225 17.94 8.34 21.80
CA SER B 225 17.70 9.46 22.75
C SER B 225 16.23 9.75 22.96
N LEU B 226 15.43 9.64 21.90
CA LEU B 226 14.06 9.97 22.02
C LEU B 226 13.38 8.89 22.86
N LYS B 227 13.64 7.60 22.56
CA LYS B 227 13.08 6.47 23.39
C LYS B 227 13.48 6.67 24.86
N ASP B 228 14.73 7.00 25.10
CA ASP B 228 15.18 7.33 26.48
C ASP B 228 14.31 8.39 27.09
N PHE B 229 14.10 9.49 26.35
CA PHE B 229 13.28 10.58 26.87
C PHE B 229 11.85 10.14 27.10
N LEU B 230 11.26 9.46 26.11
CA LEU B 230 9.85 9.06 26.17
C LEU B 230 9.53 7.89 27.09
N ARG B 231 10.37 6.85 27.12
CA ARG B 231 10.07 5.63 27.93
C ARG B 231 9.45 5.93 29.29
N PRO B 232 10.09 6.79 30.11
CA PRO B 232 9.46 7.03 31.44
C PRO B 232 8.19 7.82 31.47
N ARG B 233 7.91 8.60 30.41
CA ARG B 233 6.79 9.59 30.43
C ARG B 233 5.48 9.06 29.83
N VAL B 234 5.58 7.99 29.04
CA VAL B 234 4.42 7.39 28.40
C VAL B 234 4.23 6.04 29.09
N PRO B 235 3.03 5.45 28.98
CA PRO B 235 2.69 4.21 29.68
C PRO B 235 3.54 3.04 29.28
N THR B 236 3.78 2.13 30.21
CA THR B 236 4.57 0.91 29.90
C THR B 236 3.66 -0.24 29.61
N ASP B 237 2.43 -0.20 30.13
CA ASP B 237 1.43 -1.21 29.84
C ASP B 237 0.61 -0.81 28.57
N ALA B 238 -0.53 -1.45 28.36
CA ALA B 238 -1.30 -1.24 27.14
C ALA B 238 -2.28 -0.05 27.15
N SER B 239 -2.47 0.63 28.28
CA SER B 239 -3.61 1.56 28.42
C SER B 239 -3.52 2.84 27.52
N ILE B 240 -4.61 3.60 27.48
CA ILE B 240 -4.64 4.93 26.85
C ILE B 240 -4.61 5.98 27.98
N THR B 241 -3.42 6.22 28.50
CA THR B 241 -3.17 7.15 29.58
C THR B 241 -2.32 8.22 28.93
N PRO B 242 -2.95 9.29 28.40
CA PRO B 242 -2.09 10.39 27.91
C PRO B 242 -1.24 10.87 29.08
N PRO B 243 0.02 11.31 28.88
CA PRO B 243 0.73 11.42 27.60
C PRO B 243 1.01 10.09 26.92
N LEU B 244 0.89 10.02 25.59
CA LEU B 244 1.08 8.75 24.85
C LEU B 244 1.56 9.03 23.40
N THR B 245 2.34 8.12 22.81
CA THR B 245 2.83 8.21 21.41
C THR B 245 1.67 7.81 20.48
N GLY B 246 0.93 8.84 20.04
CA GLY B 246 -0.37 8.67 19.34
C GLY B 246 -0.38 8.65 17.82
N LEU B 247 0.62 9.27 17.20
CA LEU B 247 0.79 9.28 15.75
C LEU B 247 2.21 9.19 15.36
N ILE B 248 2.38 8.59 14.19
CA ILE B 248 3.58 8.62 13.43
C ILE B 248 3.32 9.34 12.10
N GLY B 249 4.16 10.32 11.80
CA GLY B 249 4.08 11.10 10.56
C GLY B 249 5.29 10.90 9.66
N VAL B 250 5.03 10.82 8.36
CA VAL B 250 6.10 10.87 7.37
C VAL B 250 5.73 11.77 6.22
N ASP B 251 6.73 12.14 5.44
CA ASP B 251 6.57 12.85 4.17
C ASP B 251 6.59 11.83 3.03
N CYS B 252 5.77 12.04 1.98
CA CYS B 252 5.75 11.07 0.87
C CYS B 252 6.81 11.46 -0.13
N ILE B 253 8.03 11.42 0.33
CA ILE B 253 9.21 11.71 -0.48
C ILE B 253 10.23 10.54 -0.32
N ASP B 254 11.33 10.63 -1.08
CA ASP B 254 12.44 9.67 -0.97
C ASP B 254 12.69 9.36 0.50
N PRO B 255 12.59 8.09 0.93
CA PRO B 255 12.74 7.84 2.37
C PRO B 255 13.97 8.49 3.06
N MET B 256 15.08 8.63 2.37
CA MET B 256 16.28 9.29 2.90
C MET B 256 16.13 10.81 3.21
N LEU B 257 15.22 11.50 2.52
CA LEU B 257 14.90 12.91 2.81
C LEU B 257 13.75 13.14 3.83
N SER B 258 12.89 12.14 4.00
CA SER B 258 11.66 12.28 4.74
C SER B 258 11.94 12.53 6.21
N ARG B 259 11.26 13.52 6.79
CA ARG B 259 11.23 13.64 8.25
C ARG B 259 10.34 12.55 8.84
N LEU B 260 10.75 12.01 9.98
CA LEU B 260 9.99 11.08 10.73
C LEU B 260 9.52 11.88 11.96
N LYS B 261 8.22 11.85 12.21
CA LYS B 261 7.62 12.62 13.31
C LYS B 261 6.93 11.67 14.31
N VAL B 262 7.19 11.86 15.61
CA VAL B 262 6.52 11.08 16.62
C VAL B 262 5.73 12.09 17.41
N TYR B 263 4.41 11.93 17.45
N TYR B 263 4.41 11.95 17.41
CA TYR B 263 3.48 12.90 18.07
CA TYR B 263 3.55 12.87 18.14
C TYR B 263 2.99 12.35 19.39
C TYR B 263 3.14 12.26 19.43
N LEU B 264 3.29 13.03 20.49
CA LEU B 264 2.63 12.78 21.78
C LEU B 264 1.33 13.53 21.89
N ALA B 265 0.33 12.89 22.46
CA ALA B 265 -0.83 13.60 22.82
C ALA B 265 -0.92 13.62 24.35
N THR B 266 -1.30 14.77 24.93
CA THR B 266 -1.51 14.87 26.37
C THR B 266 -2.61 15.91 26.66
N PHE B 267 -3.29 15.74 27.80
CA PHE B 267 -4.29 16.66 28.33
C PHE B 267 -3.79 17.60 29.42
N ARG B 268 -2.50 17.52 29.74
CA ARG B 268 -1.91 18.36 30.77
C ARG B 268 -0.74 19.11 30.16
N MET B 269 -0.79 20.44 30.23
CA MET B 269 0.35 21.26 29.86
C MET B 269 0.32 22.43 30.83
N ASP B 270 1.45 22.65 31.47
CA ASP B 270 1.70 23.79 32.32
C ASP B 270 3.16 24.14 32.06
N LEU B 271 3.63 25.24 32.65
CA LEU B 271 5.00 25.76 32.41
C LEU B 271 6.06 24.67 32.63
N SER B 272 5.88 23.83 33.65
CA SER B 272 6.83 22.72 33.94
C SER B 272 6.96 21.78 32.74
N LEU B 273 5.82 21.43 32.17
CA LEU B 273 5.79 20.42 31.14
C LEU B 273 6.21 21.00 29.80
N ILE B 274 5.86 22.26 29.52
CA ILE B 274 6.41 22.91 28.32
C ILE B 274 7.92 22.83 28.31
N ARG B 275 8.52 23.21 29.43
CA ARG B 275 9.96 23.17 29.58
C ARG B 275 10.52 21.79 29.37
N ASP B 276 9.89 20.81 30.03
CA ASP B 276 10.32 19.42 29.87
C ASP B 276 10.20 18.90 28.41
N TYR B 277 9.04 19.12 27.79
CA TYR B 277 8.88 18.68 26.39
C TYR B 277 9.86 19.43 25.45
N TRP B 278 9.92 20.76 25.63
CA TRP B 278 10.71 21.60 24.74
C TRP B 278 12.21 21.27 24.73
N THR B 279 12.75 21.01 25.94
CA THR B 279 14.19 20.79 26.12
C THR B 279 14.57 19.29 26.13
N LEU B 280 13.57 18.39 26.00
CA LEU B 280 13.82 16.94 26.13
C LEU B 280 14.38 16.63 27.54
N GLY B 281 13.69 17.12 28.57
CA GLY B 281 14.12 16.89 29.98
C GLY B 281 15.44 17.47 30.41
N GLY B 282 15.82 18.62 29.84
CA GLY B 282 17.13 19.19 30.13
C GLY B 282 18.27 18.79 29.25
N LEU B 283 18.05 17.94 28.25
CA LEU B 283 19.07 17.54 27.26
C LEU B 283 19.56 18.72 26.39
N LEU B 284 18.66 19.63 25.99
CA LEU B 284 18.97 20.73 25.06
C LEU B 284 18.96 22.00 25.86
N THR B 285 20.09 22.68 25.90
CA THR B 285 20.35 23.78 26.80
C THR B 285 20.94 24.98 26.08
N ASP B 286 21.09 24.90 24.76
CA ASP B 286 21.65 25.98 23.94
C ASP B 286 20.75 27.20 23.80
N ALA B 287 21.33 28.31 23.32
CA ALA B 287 20.64 29.57 23.27
C ALA B 287 19.50 29.52 22.30
N GLY B 288 19.67 28.82 21.19
CA GLY B 288 18.57 28.60 20.20
C GLY B 288 17.34 27.92 20.75
N THR B 289 17.53 26.80 21.40
CA THR B 289 16.50 26.18 22.22
C THR B 289 15.82 27.17 23.21
N MET B 290 16.65 27.94 23.95
CA MET B 290 16.12 28.77 25.06
C MET B 290 15.31 29.97 24.56
N LYS B 291 15.74 30.47 23.39
CA LYS B 291 15.02 31.47 22.64
C LYS B 291 13.63 30.95 22.17
N GLY B 292 13.61 29.76 21.60
CA GLY B 292 12.33 29.09 21.30
C GLY B 292 11.46 28.89 22.53
N LEU B 293 12.06 28.51 23.66
CA LEU B 293 11.27 28.29 24.88
C LEU B 293 10.60 29.58 25.35
N GLU B 294 11.34 30.68 25.25
CA GLU B 294 10.79 32.00 25.66
C GLU B 294 9.49 32.33 24.85
N MET B 295 9.62 32.18 23.54
CA MET B 295 8.55 32.21 22.53
C MET B 295 7.32 31.42 22.98
N VAL B 296 7.51 30.16 23.30
CA VAL B 296 6.41 29.29 23.62
C VAL B 296 5.78 29.69 24.95
N GLU B 297 6.60 30.11 25.91
CA GLU B 297 6.14 30.57 27.18
C GLU B 297 5.32 31.83 26.99
N THR B 298 5.80 32.73 26.16
CA THR B 298 5.08 33.95 25.90
C THR B 298 3.77 33.66 25.23
N LEU B 299 3.79 32.79 24.22
CA LEU B 299 2.57 32.42 23.48
C LEU B 299 1.51 31.90 24.40
N ALA B 300 1.89 30.91 25.21
CA ALA B 300 0.97 30.35 26.21
C ALA B 300 0.44 31.39 27.25
N LYS B 301 1.26 32.39 27.57
CA LYS B 301 0.83 33.48 28.45
C LYS B 301 -0.15 34.37 27.68
N THR B 302 0.12 34.68 26.42
CA THR B 302 -0.75 35.56 25.70
C THR B 302 -2.19 34.97 25.54
N LEU B 303 -2.36 33.63 25.54
CA LEU B 303 -3.66 32.96 25.26
C LEU B 303 -4.56 32.55 26.46
N LEU B 318 -9.93 18.34 23.10
CA LEU B 318 -8.73 18.12 22.30
C LEU B 318 -7.45 18.12 23.15
N PRO B 319 -6.52 17.19 22.90
CA PRO B 319 -5.26 17.16 23.63
C PRO B 319 -4.29 18.16 23.11
N PHE B 320 -3.30 18.48 23.94
CA PHE B 320 -2.11 19.13 23.45
C PHE B 320 -1.27 18.14 22.67
N GLY B 321 -0.54 18.68 21.70
CA GLY B 321 0.32 17.90 20.84
C GLY B 321 1.77 18.29 21.01
N ILE B 322 2.67 17.30 20.97
CA ILE B 322 4.08 17.53 20.91
C ILE B 322 4.66 16.62 19.84
N ASN B 323 5.28 17.23 18.85
CA ASN B 323 5.75 16.55 17.72
C ASN B 323 7.27 16.61 17.63
N TYR B 324 7.90 15.47 17.87
CA TYR B 324 9.34 15.30 17.73
C TYR B 324 9.62 14.81 16.32
N ALA B 325 10.39 15.61 15.58
CA ALA B 325 10.74 15.37 14.18
C ALA B 325 12.22 15.04 14.01
N MET B 326 12.52 13.95 13.29
CA MET B 326 13.86 13.51 12.95
C MET B 326 14.07 13.24 11.48
N LYS B 327 15.31 13.43 11.02
CA LYS B 327 15.73 13.28 9.62
C LYS B 327 16.88 12.26 9.52
N PRO B 328 16.84 11.35 8.56
CA PRO B 328 18.11 10.68 8.19
C PRO B 328 19.31 11.65 8.06
N GLY B 329 20.48 11.28 8.58
CA GLY B 329 21.66 12.18 8.55
C GLY B 329 21.97 12.88 9.85
N THR B 330 20.98 13.09 10.71
CA THR B 330 21.15 13.96 11.85
C THR B 330 21.06 13.15 13.09
N ALA B 331 22.13 13.16 13.91
CA ALA B 331 22.15 12.38 15.17
C ALA B 331 21.49 13.02 16.38
N GLU B 332 21.33 14.34 16.33
CA GLU B 332 20.90 15.13 17.47
C GLU B 332 19.42 15.50 17.37
N LEU B 333 18.71 15.44 18.48
CA LEU B 333 17.33 15.85 18.50
C LEU B 333 17.24 17.35 18.65
N ALA B 334 16.14 17.85 18.11
CA ALA B 334 15.81 19.25 18.05
C ALA B 334 14.53 19.45 18.92
N PRO B 335 14.23 20.71 19.34
CA PRO B 335 12.98 20.94 20.05
C PRO B 335 11.77 20.52 19.19
N PRO B 336 10.69 20.08 19.84
CA PRO B 336 9.54 19.66 19.06
C PRO B 336 8.71 20.86 18.60
N GLN B 337 7.71 20.56 17.78
CA GLN B 337 6.62 21.48 17.58
C GLN B 337 5.55 21.23 18.66
N ILE B 338 5.06 22.27 19.30
CA ILE B 338 3.95 22.13 20.29
C ILE B 338 2.67 22.67 19.69
N TYR B 339 1.60 21.91 19.87
CA TYR B 339 0.26 22.27 19.36
C TYR B 339 -0.66 22.58 20.52
N PHE B 340 -1.26 23.76 20.47
CA PHE B 340 -2.31 24.18 21.44
C PHE B 340 -3.68 24.16 20.76
N PRO B 341 -4.63 23.38 21.30
CA PRO B 341 -5.97 23.42 20.72
C PRO B 341 -6.69 24.70 21.13
N LEU B 342 -7.39 25.27 20.19
CA LEU B 342 -8.08 26.49 20.36
C LEU B 342 -9.62 26.36 20.40
N LEU B 343 -10.15 25.14 20.31
CA LEU B 343 -11.60 24.88 20.29
C LEU B 343 -12.14 25.40 21.59
N GLY B 344 -13.25 26.13 21.51
CA GLY B 344 -13.89 26.71 22.71
C GLY B 344 -13.51 28.13 23.10
N ILE B 345 -12.51 28.70 22.43
CA ILE B 345 -12.01 30.04 22.76
C ILE B 345 -12.46 30.96 21.66
N ASN B 346 -12.88 32.17 22.05
CA ASN B 346 -13.41 33.19 21.11
C ASN B 346 -12.41 33.45 20.01
N ASP B 347 -12.88 33.45 18.76
CA ASP B 347 -11.97 33.65 17.61
C ASP B 347 -11.45 35.07 17.47
N GLY B 348 -12.25 36.02 17.98
CA GLY B 348 -11.81 37.43 17.99
C GLY B 348 -10.74 37.60 19.06
N PHE B 349 -10.91 36.98 20.25
CA PHE B 349 -9.83 37.06 21.26
C PHE B 349 -8.57 36.43 20.75
N ILE B 350 -8.71 35.23 20.13
CA ILE B 350 -7.53 34.60 19.51
C ILE B 350 -6.81 35.54 18.55
N ALA B 351 -7.54 36.19 17.66
CA ALA B 351 -6.87 37.09 16.69
C ALA B 351 -6.07 38.23 17.38
N ASP B 352 -6.71 38.87 18.36
CA ASP B 352 -6.07 39.92 19.16
C ASP B 352 -4.82 39.40 19.87
N ALA B 353 -4.93 38.22 20.46
CA ALA B 353 -3.79 37.59 21.10
C ALA B 353 -2.67 37.30 20.10
N LEU B 354 -3.01 36.83 18.90
CA LEU B 354 -1.99 36.58 17.89
C LEU B 354 -1.37 37.85 17.36
N VAL B 355 -2.15 38.92 17.21
CA VAL B 355 -1.59 40.22 16.84
C VAL B 355 -0.51 40.61 17.88
N GLU B 356 -0.85 40.57 19.18
CA GLU B 356 0.11 40.85 20.27
C GLU B 356 1.37 40.03 20.11
N PHE B 357 1.17 38.71 20.03
CA PHE B 357 2.27 37.79 19.96
C PHE B 357 3.10 38.05 18.69
N PHE B 358 2.45 38.35 17.57
CA PHE B 358 3.19 38.75 16.37
C PHE B 358 4.00 40.03 16.57
N GLN B 359 3.40 40.99 17.25
CA GLN B 359 4.16 42.18 17.63
C GLN B 359 5.43 41.80 18.47
N TYR B 360 5.26 41.02 19.54
CA TYR B 360 6.39 40.42 20.31
C TYR B 360 7.47 39.78 19.47
N MET B 361 7.12 38.98 18.47
CA MET B 361 8.15 38.46 17.58
C MET B 361 8.79 39.46 16.67
N GLY B 362 8.25 40.67 16.59
CA GLY B 362 8.72 41.67 15.57
C GLY B 362 8.28 41.39 14.14
N TRP B 363 7.14 40.72 13.98
CA TRP B 363 6.56 40.42 12.68
C TRP B 363 5.49 41.49 12.57
N GLU B 364 5.90 42.75 12.36
CA GLU B 364 4.92 43.86 12.43
C GLU B 364 3.92 43.75 11.27
N ASP B 365 4.41 43.37 10.09
CA ASP B 365 3.57 43.26 8.89
C ASP B 365 2.45 42.18 9.09
N GLN B 366 2.79 40.99 9.64
CA GLN B 366 1.78 39.99 10.01
C GLN B 366 0.80 40.45 11.10
N ALA B 367 1.32 41.15 12.12
CA ALA B 367 0.48 41.76 13.14
C ALA B 367 -0.61 42.68 12.59
N ASN B 368 -0.21 43.51 11.61
CA ASN B 368 -1.07 44.60 11.08
C ASN B 368 -2.16 44.10 10.18
N ARG B 369 -1.89 43.01 9.47
CA ARG B 369 -2.85 42.42 8.51
C ARG B 369 -3.61 41.19 8.99
N TYR B 370 -3.15 40.53 10.07
CA TYR B 370 -3.76 39.25 10.55
C TYR B 370 -5.27 39.33 10.73
N LYS B 371 -5.79 40.23 11.55
CA LYS B 371 -7.22 40.28 11.82
C LYS B 371 -8.16 40.60 10.62
N ASP B 372 -7.82 41.57 9.77
CA ASP B 372 -8.65 41.90 8.58
C ASP B 372 -8.52 40.79 7.58
N GLU B 373 -7.30 40.24 7.38
CA GLU B 373 -7.22 39.13 6.44
C GLU B 373 -8.00 37.89 6.93
N LEU B 374 -8.04 37.64 8.23
CA LEU B 374 -8.88 36.56 8.78
C LEU B 374 -10.37 36.76 8.48
N LYS B 375 -10.85 37.98 8.67
CA LYS B 375 -12.28 38.26 8.47
C LYS B 375 -12.63 38.06 7.02
N ALA B 376 -11.68 38.41 6.15
CA ALA B 376 -11.86 38.25 4.75
C ALA B 376 -11.77 36.76 4.31
N LYS B 377 -11.03 35.92 5.05
CA LYS B 377 -11.02 34.47 4.78
C LYS B 377 -12.43 33.87 5.01
N PHE B 378 -13.16 34.38 6.05
CA PHE B 378 -14.40 33.81 6.61
C PHE B 378 -15.52 34.88 6.66
N PRO B 379 -15.84 35.48 5.51
CA PRO B 379 -16.84 36.58 5.49
C PRO B 379 -18.28 36.21 5.94
N ASN B 380 -18.61 34.94 6.15
CA ASN B 380 -19.98 34.56 6.45
C ASN B 380 -20.22 34.47 7.93
N VAL B 381 -19.18 34.75 8.69
CA VAL B 381 -19.16 34.49 10.11
C VAL B 381 -18.83 35.81 10.79
N ASP B 382 -19.16 35.96 12.07
CA ASP B 382 -18.63 37.06 12.89
C ASP B 382 -17.54 36.50 13.80
N ILE B 383 -16.26 36.79 13.52
CA ILE B 383 -15.19 36.17 14.35
C ILE B 383 -15.26 36.56 15.83
N SER B 384 -15.82 37.74 16.13
CA SER B 384 -16.10 38.11 17.52
C SER B 384 -17.09 37.25 18.23
N GLN B 385 -17.96 36.54 17.51
CA GLN B 385 -18.95 35.61 18.12
C GLN B 385 -18.73 34.14 17.95
N THR B 386 -17.76 33.75 17.13
CA THR B 386 -17.45 32.32 16.92
C THR B 386 -16.40 31.79 17.91
N LYS B 387 -16.45 30.48 18.18
CA LYS B 387 -15.52 29.76 19.01
C LYS B 387 -14.88 28.54 18.29
N ASN B 388 -15.23 28.29 17.03
CA ASN B 388 -14.81 27.04 16.32
C ASN B 388 -13.81 27.21 15.19
N VAL B 389 -13.62 28.44 14.73
CA VAL B 389 -12.89 28.69 13.51
C VAL B 389 -11.36 28.42 13.61
N HIS B 390 -10.65 29.01 14.59
CA HIS B 390 -9.29 28.60 14.89
C HIS B 390 -9.44 27.26 15.67
N ARG B 391 -8.91 26.19 15.14
CA ARG B 391 -8.99 24.93 15.83
C ARG B 391 -7.67 24.60 16.50
N TRP B 392 -6.58 24.84 15.81
CA TRP B 392 -5.25 24.62 16.39
C TRP B 392 -4.27 25.73 16.09
N LEU B 393 -3.32 25.82 17.01
CA LEU B 393 -2.11 26.57 16.79
C LEU B 393 -0.89 25.72 17.12
N GLY B 394 0.04 25.65 16.17
CA GLY B 394 1.33 24.96 16.33
C GLY B 394 2.47 25.96 16.33
N VAL B 395 3.46 25.72 17.16
CA VAL B 395 4.58 26.66 17.18
C VAL B 395 5.88 25.92 17.14
N ALA B 396 6.86 26.47 16.44
CA ALA B 396 8.13 25.82 16.24
C ALA B 396 9.25 26.82 16.19
N TYR B 397 10.47 26.31 16.39
CA TYR B 397 11.74 27.08 16.19
C TYR B 397 12.82 26.12 15.68
N SER B 398 13.42 26.38 14.52
CA SER B 398 14.55 25.55 14.02
C SER B 398 15.80 26.43 13.98
N GLU B 399 16.97 25.84 14.19
CA GLU B 399 18.25 26.56 14.00
C GLU B 399 18.37 27.10 12.58
N THR B 400 18.00 26.26 11.60
CA THR B 400 18.08 26.61 10.16
C THR B 400 17.07 27.71 9.72
N LYS B 401 15.79 27.43 9.92
CA LYS B 401 14.71 28.24 9.36
C LYS B 401 14.20 29.30 10.35
N GLY B 402 14.43 29.12 11.66
CA GLY B 402 13.95 30.12 12.64
C GLY B 402 12.54 29.84 13.15
N PRO B 403 11.85 30.88 13.67
CA PRO B 403 10.54 30.67 14.29
C PRO B 403 9.42 30.66 13.25
N SER B 404 8.39 29.86 13.53
CA SER B 404 7.26 29.74 12.66
C SER B 404 6.08 29.31 13.52
N MET B 405 4.91 29.57 12.97
CA MET B 405 3.66 29.32 13.60
C MET B 405 2.59 28.77 12.57
N ASN B 406 1.89 27.76 12.99
CA ASN B 406 1.00 27.05 12.15
C ASN B 406 -0.37 27.28 12.73
N ILE B 407 -1.30 27.75 11.90
CA ILE B 407 -2.65 28.08 12.37
C ILE B 407 -3.60 27.19 11.53
N TYR B 408 -4.41 26.42 12.21
CA TYR B 408 -5.33 25.48 11.59
C TYR B 408 -6.75 25.94 11.76
N TYR B 409 -7.41 26.13 10.61
CA TYR B 409 -8.78 26.56 10.54
C TYR B 409 -9.78 25.46 10.17
N ASP B 410 -10.91 25.51 10.83
CA ASP B 410 -12.06 24.68 10.50
C ASP B 410 -12.80 25.51 9.44
N VAL B 411 -12.33 25.35 8.21
CA VAL B 411 -12.86 26.05 7.07
C VAL B 411 -14.36 25.86 6.94
N VAL B 412 -14.90 24.69 7.20
CA VAL B 412 -16.36 24.53 7.05
C VAL B 412 -17.12 25.40 8.08
N ALA B 413 -16.63 25.42 9.32
CA ALA B 413 -17.20 26.18 10.41
C ALA B 413 -17.10 27.67 10.12
N GLY B 414 -16.05 28.04 9.41
CA GLY B 414 -15.86 29.43 8.94
C GLY B 414 -16.65 29.87 7.72
N ASN B 415 -17.47 28.97 7.16
CA ASN B 415 -18.27 29.23 5.97
C ASN B 415 -19.78 28.95 6.20
N VAL B 416 -20.23 28.31 7.25
CA VAL B 416 -21.67 27.80 7.22
C VAL B 416 -22.68 28.80 7.86
C1 GEN C . 10.74 -14.89 -15.70
C2 GEN C . 9.69 -15.63 -15.10
O2 GEN C . 9.78 -16.17 -13.84
C3 GEN C . 8.53 -15.82 -15.82
C4 GEN C . 8.38 -15.30 -17.10
O4 GEN C . 7.22 -15.51 -17.79
C5 GEN C . 9.40 -14.52 -17.72
C6 GEN C . 9.28 -14.06 -19.05
O6 GEN C . 8.22 -14.31 -19.68
C7 GEN C . 10.44 -13.52 -19.69
C8 GEN C . 11.61 -13.36 -18.94
O9 GEN C . 11.62 -13.65 -17.58
C10 GEN C . 10.60 -14.37 -17.01
C11 GEN C . 10.45 -13.33 -21.08
C12 GEN C . 9.27 -12.89 -21.72
C13 GEN C . 9.21 -12.77 -23.08
C14 GEN C . 10.31 -13.10 -23.84
O14 GEN C . 10.10 -12.92 -25.15
C15 GEN C . 11.51 -13.57 -23.27
C16 GEN C . 11.58 -13.70 -21.87
O4 DST D . 0.73 -23.96 -6.14
P1 DST D . 1.13 -22.80 -5.28
O6 DST D . 1.70 -23.62 -4.05
O5 DST D . 0.02 -22.07 -4.79
O2 DST D . 2.30 -21.82 -5.92
P3 DST D . 1.89 -20.48 -6.72
O8 DST D . 0.31 -20.60 -6.84
O7 DST D . 2.19 -19.35 -5.86
S9 DST D . 2.09 -20.39 -7.65
C10 DST D . 3.75 -19.53 -8.05
C11 DST D . 4.31 -19.54 -9.57
C12 DST D . 4.65 -18.32 -10.58
C13 DST D . 4.44 -16.85 -10.34
C14 DST D . 5.17 -18.58 -11.98
O4 DST E . 5.29 19.73 9.88
P1 DST E . 4.30 20.94 10.00
O6 DST E . 3.75 21.07 8.58
O5 DST E . 4.96 22.18 10.28
O2 DST E . 3.08 20.56 11.00
P3 DST E . 2.08 19.41 10.60
O8 DST E . 2.46 18.95 9.36
O7 DST E . 0.54 20.02 10.27
S9 DST E . 2.02 17.99 11.87
C10 DST E . 0.58 18.28 13.05
C11 DST E . -0.50 17.34 12.49
C12 DST E . -2.05 17.16 12.81
C13 DST E . -2.87 17.98 13.86
C14 DST E . -2.77 16.07 11.98
#